data_1LCO
#
_entry.id   1LCO
#
_cell.length_a   164.500
_cell.length_b   164.500
_cell.length_c   114.000
_cell.angle_alpha   90.00
_cell.angle_beta   90.00
_cell.angle_gamma   120.00
#
_symmetry.space_group_name_H-M   'P 32 2 1'
#
loop_
_entity.id
_entity.type
_entity.pdbx_description
1 polymer 'L-LACTATE DEHYDROGENASE'
2 non-polymer 'PROTOPORPHYRIN IX CONTAINING FE'
3 non-polymer 'FLAVIN MONONUCLEOTIDE'
4 non-polymer '3-PHENYLPYRUVIC ACID'
5 water water
#
_entity_poly.entity_id   1
_entity_poly.type   'polypeptide(L)'
_entity_poly.pdbx_seq_one_letter_code
;EPKLDMNKQKISPAEVAKHNKPDDCWVVINGYVYDLTRFLPNHPGGQDVIKFNAGKDVTAIFEPLHAPNVIDKYIAPEKK
LGPLQGSMPPELVCPPYAPGETKEDIARKEQLKSLLPPLDNIINLYDFEYLASQTLTKQAWAFYSSGANDEVTHRENHNA
YHRIFFKPKILVDVRKVDISTDMLGSHVDVPFYVSATALCKLGNPLEGEKDVARGCGQGVTKVPQMISTLASCSPEEIIE
AAPSDKQIQWYQLYVNSDRKITDDLVKNVEKLGVKALFVTVDAPSLGQREKDMKLKFSNTKAGPKAMKKTNVEESQGASR
ALSKFIDPSLTWKDIEELKKKTKLPIVIKGVQRTEDVIKAAEIGVSGVVLSNHGGRQLDFSRAPIEVLAETMPILEQRNL
KDKLEVFVDGGVRRGTDVLKALCLGAKGVGLGRPFLYANSCYGRNGVEKAIEILRDEIEMSMRLLGVTSIAELKPDLLDL
STLKARTVGVPNDVLYNEVYEGPTLTEFEDA
;
_entity_poly.pdbx_strand_id   A,B
#
loop_
_chem_comp.id
_chem_comp.type
_chem_comp.name
_chem_comp.formula
FMN non-polymer 'FLAVIN MONONUCLEOTIDE' 'C17 H21 N4 O9 P'
HEM non-polymer 'PROTOPORPHYRIN IX CONTAINING FE' 'C34 H32 Fe N4 O4'
PPY non-polymer '3-PHENYLPYRUVIC ACID' 'C9 H8 O3'
#
# COMPACT_ATOMS: atom_id res chain seq x y z
N LYS A 10 55.63 16.56 14.73
CA LYS A 10 56.09 15.38 14.04
C LYS A 10 55.93 14.14 14.89
N ILE A 11 55.55 13.03 14.28
CA ILE A 11 55.51 11.74 14.96
C ILE A 11 55.90 10.82 13.80
N SER A 12 57.04 10.20 13.98
CA SER A 12 57.54 9.29 13.01
C SER A 12 56.59 8.11 12.75
N PRO A 13 56.18 7.96 11.49
CA PRO A 13 55.19 6.99 11.05
C PRO A 13 55.40 5.50 11.38
N ALA A 14 56.60 4.95 11.40
CA ALA A 14 56.73 3.56 11.85
C ALA A 14 56.61 3.51 13.38
N GLU A 15 56.88 4.61 14.11
CA GLU A 15 56.70 4.61 15.56
C GLU A 15 55.19 4.56 15.84
N VAL A 16 54.42 5.24 14.97
CA VAL A 16 52.97 5.21 14.96
C VAL A 16 52.52 3.75 14.87
N ALA A 17 52.80 3.13 13.71
CA ALA A 17 52.42 1.76 13.40
C ALA A 17 52.76 0.78 14.50
N LYS A 18 53.83 1.00 15.29
CA LYS A 18 54.13 0.17 16.46
C LYS A 18 52.92 -0.30 17.25
N HIS A 19 51.99 0.64 17.44
CA HIS A 19 50.83 0.42 18.28
C HIS A 19 49.66 0.04 17.38
N ASN A 20 49.79 -1.12 16.76
CA ASN A 20 48.76 -1.64 15.92
C ASN A 20 48.14 -2.77 16.73
N LYS A 21 47.44 -2.47 17.83
CA LYS A 21 46.87 -3.56 18.65
C LYS A 21 45.44 -3.35 19.11
N PRO A 22 44.56 -4.38 19.20
CA PRO A 22 43.37 -4.38 20.05
C PRO A 22 43.90 -3.99 21.42
N ASP A 23 43.46 -2.81 21.85
CA ASP A 23 43.95 -2.11 23.03
C ASP A 23 45.31 -1.60 22.59
N ASP A 24 45.35 -0.29 22.75
CA ASP A 24 46.52 0.48 22.37
C ASP A 24 46.78 0.33 20.87
N CYS A 25 45.81 1.09 20.39
CA CYS A 25 45.51 1.35 19.01
C CYS A 25 45.84 2.82 18.80
N TRP A 26 46.76 3.07 17.89
CA TRP A 26 47.08 4.39 17.38
C TRP A 26 46.55 4.31 15.94
N VAL A 27 46.09 5.40 15.30
CA VAL A 27 45.55 5.37 13.94
C VAL A 27 45.74 6.77 13.37
N VAL A 28 45.82 6.87 12.04
CA VAL A 28 46.04 8.16 11.36
C VAL A 28 44.88 8.58 10.46
N ILE A 29 44.38 9.80 10.71
CA ILE A 29 43.27 10.36 9.95
C ILE A 29 43.65 11.78 9.50
N ASN A 30 43.80 11.96 8.20
CA ASN A 30 44.15 13.24 7.60
C ASN A 30 45.38 13.90 8.18
N GLY A 31 46.47 13.16 8.32
CA GLY A 31 47.73 13.78 8.75
C GLY A 31 47.97 13.78 10.25
N TYR A 32 46.97 14.11 11.06
CA TYR A 32 47.07 14.04 12.51
C TYR A 32 46.96 12.58 13.00
N VAL A 33 47.47 12.36 14.21
CA VAL A 33 47.52 11.02 14.80
C VAL A 33 46.64 11.01 16.06
N TYR A 34 45.96 9.87 16.33
CA TYR A 34 45.07 9.80 17.48
C TYR A 34 45.26 8.51 18.25
N ASP A 35 45.06 8.67 19.57
CA ASP A 35 45.05 7.47 20.36
C ASP A 35 43.61 7.02 20.55
N LEU A 36 43.39 5.95 19.83
CA LEU A 36 42.08 5.37 19.84
C LEU A 36 42.11 4.10 20.69
N THR A 37 42.56 4.25 21.94
CA THR A 37 42.53 3.08 22.80
C THR A 37 41.29 3.23 23.64
N ARG A 38 41.18 4.06 24.70
CA ARG A 38 39.91 4.18 25.45
C ARG A 38 38.66 4.34 24.55
N PHE A 39 38.91 4.97 23.38
CA PHE A 39 37.86 5.17 22.41
C PHE A 39 37.34 3.88 21.87
N LEU A 40 38.20 3.01 21.34
CA LEU A 40 37.75 1.84 20.59
C LEU A 40 36.43 1.18 21.02
N PRO A 41 36.19 0.76 22.27
CA PRO A 41 34.98 0.03 22.61
C PRO A 41 33.70 0.88 22.59
N ASN A 42 33.80 2.20 22.56
CA ASN A 42 32.62 3.03 22.60
C ASN A 42 32.15 3.55 21.25
N HIS A 43 32.85 3.09 20.22
CA HIS A 43 32.57 3.47 18.84
C HIS A 43 31.15 3.08 18.48
N PRO A 44 30.28 3.91 17.84
CA PRO A 44 28.91 3.58 17.46
C PRO A 44 28.73 2.26 16.73
N GLY A 45 29.45 2.04 15.62
CA GLY A 45 29.30 0.78 14.89
C GLY A 45 29.89 -0.44 15.59
N GLY A 46 30.63 -0.26 16.69
CA GLY A 46 31.36 -1.35 17.31
C GLY A 46 32.84 -1.24 16.93
N GLN A 47 33.65 -1.52 17.95
CA GLN A 47 35.09 -1.40 17.85
C GLN A 47 35.81 -2.15 16.73
N ASP A 48 35.12 -3.12 16.15
CA ASP A 48 35.63 -4.02 15.13
C ASP A 48 36.41 -3.37 13.99
N VAL A 49 35.75 -2.41 13.35
CA VAL A 49 36.27 -1.68 12.19
C VAL A 49 37.59 -1.00 12.54
N ILE A 50 37.64 -0.33 13.69
CA ILE A 50 38.85 0.35 14.06
C ILE A 50 39.86 -0.72 14.40
N LYS A 51 39.53 -1.79 15.13
CA LYS A 51 40.52 -2.84 15.43
C LYS A 51 41.24 -3.41 14.21
N PHE A 52 40.46 -4.00 13.30
CA PHE A 52 40.93 -4.58 12.05
C PHE A 52 41.90 -3.62 11.36
N ASN A 53 41.53 -2.37 11.13
CA ASN A 53 42.34 -1.39 10.43
C ASN A 53 43.14 -0.54 11.38
N ALA A 54 43.54 -1.04 12.54
CA ALA A 54 44.22 -0.17 13.49
C ALA A 54 45.68 0.02 13.15
N GLY A 55 46.33 1.06 13.68
CA GLY A 55 47.75 1.28 13.42
C GLY A 55 48.07 1.60 11.96
N LYS A 56 47.09 2.01 11.17
CA LYS A 56 47.32 2.37 9.80
C LYS A 56 46.80 3.79 9.57
N ASP A 57 46.81 4.21 8.32
CA ASP A 57 46.23 5.48 7.94
C ASP A 57 44.84 5.03 7.54
N VAL A 58 43.93 5.35 8.42
CA VAL A 58 42.56 4.96 8.18
C VAL A 58 41.72 6.04 7.50
N THR A 59 42.33 7.08 6.91
CA THR A 59 41.61 8.21 6.36
C THR A 59 40.53 7.91 5.31
N ALA A 60 40.66 6.89 4.43
CA ALA A 60 39.59 6.64 3.47
C ALA A 60 38.35 6.03 4.10
N ILE A 61 38.53 5.31 5.19
CA ILE A 61 37.38 4.77 5.90
C ILE A 61 36.70 5.99 6.55
N PHE A 62 37.53 6.86 7.17
CA PHE A 62 37.02 7.92 7.97
C PHE A 62 36.33 8.99 7.19
N GLU A 63 37.05 9.82 6.44
CA GLU A 63 36.49 10.99 5.77
C GLU A 63 35.11 10.90 5.12
N PRO A 64 34.75 9.97 4.20
CA PRO A 64 33.46 9.94 3.50
C PRO A 64 32.32 9.37 4.32
N LEU A 65 32.27 9.59 5.62
CA LEU A 65 31.35 8.85 6.43
C LEU A 65 31.12 9.42 7.80
N HIS A 66 31.81 10.49 8.21
CA HIS A 66 31.60 11.03 9.55
C HIS A 66 31.24 12.50 9.47
N ALA A 67 30.37 12.95 10.37
CA ALA A 67 29.98 14.34 10.48
C ALA A 67 31.25 15.10 10.80
N PRO A 68 31.67 16.15 10.09
CA PRO A 68 33.03 16.73 10.17
C PRO A 68 33.53 17.04 11.60
N ASN A 69 32.60 17.59 12.34
CA ASN A 69 32.67 17.90 13.76
C ASN A 69 33.00 16.76 14.74
N VAL A 70 32.93 15.46 14.42
CA VAL A 70 33.03 14.41 15.44
C VAL A 70 34.29 14.26 16.26
N ILE A 71 35.50 14.35 15.69
CA ILE A 71 36.72 14.11 16.48
C ILE A 71 36.84 15.14 17.57
N ASP A 72 36.61 16.35 17.13
CA ASP A 72 36.71 17.52 17.98
C ASP A 72 35.61 17.46 19.04
N LYS A 73 34.49 16.83 18.71
CA LYS A 73 33.36 16.74 19.60
C LYS A 73 33.35 15.57 20.59
N TYR A 74 33.95 14.42 20.31
CA TYR A 74 33.84 13.28 21.21
C TYR A 74 35.15 12.66 21.69
N ILE A 75 36.27 12.97 21.03
CA ILE A 75 37.57 12.44 21.42
C ILE A 75 38.16 13.38 22.47
N ALA A 76 38.83 12.85 23.49
CA ALA A 76 39.50 13.72 24.44
C ALA A 76 40.63 14.50 23.75
N PRO A 77 40.77 15.80 23.98
CA PRO A 77 41.76 16.65 23.35
C PRO A 77 43.18 16.13 23.51
N GLU A 78 43.59 15.66 24.70
CA GLU A 78 44.96 15.14 24.81
C GLU A 78 45.19 13.78 24.16
N LYS A 79 44.16 13.25 23.50
CA LYS A 79 44.28 12.05 22.71
C LYS A 79 44.53 12.39 21.24
N LYS A 80 44.34 13.69 20.91
CA LYS A 80 44.55 14.22 19.57
C LYS A 80 46.05 14.50 19.47
N LEU A 81 46.73 13.49 18.97
CA LEU A 81 48.17 13.53 18.93
C LEU A 81 48.66 14.18 17.66
N GLY A 82 49.82 14.83 17.82
CA GLY A 82 50.50 15.54 16.75
C GLY A 82 50.74 14.77 15.43
N PRO A 83 51.09 15.47 14.35
CA PRO A 83 51.17 14.92 13.01
C PRO A 83 52.23 13.90 12.64
N LEU A 84 51.72 12.99 11.79
CA LEU A 84 52.44 11.92 11.15
C LEU A 84 53.47 12.51 10.19
N GLN A 85 54.74 12.11 10.34
CA GLN A 85 55.79 12.61 9.48
C GLN A 85 55.67 12.13 8.02
N GLY A 86 55.18 13.05 7.20
CA GLY A 86 55.04 12.77 5.79
C GLY A 86 53.82 11.85 5.58
N SER A 87 54.04 10.52 5.57
CA SER A 87 52.98 9.58 5.24
C SER A 87 53.15 8.13 5.70
N MET A 88 52.25 7.24 5.25
CA MET A 88 52.17 5.83 5.62
C MET A 88 52.56 4.89 4.48
N PRO A 89 53.39 3.84 4.68
CA PRO A 89 53.91 2.95 3.65
C PRO A 89 52.75 2.34 2.88
N PRO A 90 52.71 2.56 1.57
CA PRO A 90 51.56 2.38 0.69
C PRO A 90 50.43 1.37 0.97
N GLU A 91 50.69 0.18 1.52
CA GLU A 91 49.60 -0.75 1.78
C GLU A 91 48.94 -0.44 3.14
N LEU A 92 49.43 0.59 3.84
CA LEU A 92 48.88 1.02 5.12
C LEU A 92 47.96 2.24 4.99
N VAL A 93 47.68 2.67 3.77
CA VAL A 93 46.67 3.70 3.56
C VAL A 93 45.54 2.81 3.09
N CYS A 94 44.53 2.84 3.96
CA CYS A 94 43.34 2.01 3.83
C CYS A 94 42.55 2.40 2.59
N PRO A 95 42.33 1.51 1.62
CA PRO A 95 41.36 1.67 0.56
C PRO A 95 39.97 1.80 1.16
N PRO A 96 39.02 2.50 0.51
CA PRO A 96 37.69 2.73 1.03
C PRO A 96 36.91 1.49 1.43
N TYR A 97 36.20 1.71 2.51
CA TYR A 97 35.37 0.68 3.08
C TYR A 97 34.23 0.30 2.11
N ALA A 98 34.28 -0.90 1.56
CA ALA A 98 33.14 -1.40 0.80
C ALA A 98 33.25 -2.90 0.99
N PRO A 99 32.93 -3.45 2.15
CA PRO A 99 33.18 -4.87 2.42
C PRO A 99 32.34 -5.71 1.50
N GLY A 100 32.90 -6.80 0.99
CA GLY A 100 32.20 -7.71 0.07
C GLY A 100 32.05 -7.24 -1.36
N GLU A 101 32.37 -5.97 -1.59
CA GLU A 101 32.22 -5.41 -2.91
C GLU A 101 33.42 -5.87 -3.68
N THR A 102 33.25 -6.28 -4.92
CA THR A 102 34.40 -6.73 -5.69
C THR A 102 34.94 -5.56 -6.53
N LYS A 103 35.13 -5.76 -7.85
CA LYS A 103 35.36 -4.64 -8.73
C LYS A 103 33.99 -4.05 -9.11
N GLU A 104 32.93 -4.77 -8.63
CA GLU A 104 31.50 -4.49 -8.67
C GLU A 104 31.07 -3.06 -8.72
N ASP A 105 31.86 -2.23 -8.05
CA ASP A 105 31.66 -0.80 -8.01
C ASP A 105 31.34 -0.25 -9.39
N ILE A 106 31.87 -0.82 -10.47
CA ILE A 106 31.44 -0.31 -11.75
C ILE A 106 30.19 -0.97 -12.28
N ALA A 107 29.87 -2.26 -12.23
CA ALA A 107 28.55 -2.70 -12.76
C ALA A 107 27.39 -1.99 -12.05
N ARG A 108 27.52 -1.73 -10.76
CA ARG A 108 26.54 -0.93 -10.05
C ARG A 108 26.59 0.49 -10.61
N LYS A 109 27.73 1.05 -10.99
CA LYS A 109 27.74 2.35 -11.65
C LYS A 109 27.28 2.25 -13.10
N GLU A 110 27.29 1.11 -13.81
CA GLU A 110 26.77 1.14 -15.16
C GLU A 110 25.28 1.21 -15.01
N GLN A 111 24.79 0.39 -14.08
CA GLN A 111 23.42 0.34 -13.61
C GLN A 111 22.90 1.76 -13.31
N LEU A 112 23.65 2.46 -12.44
CA LEU A 112 23.35 3.84 -12.09
C LEU A 112 23.33 4.72 -13.35
N LYS A 113 24.43 4.67 -14.13
CA LYS A 113 24.66 5.64 -15.20
C LYS A 113 23.62 5.50 -16.26
N SER A 114 22.77 6.50 -16.00
CA SER A 114 21.60 6.84 -16.76
C SER A 114 20.64 5.69 -17.09
N LEU A 115 21.01 4.44 -16.69
CA LEU A 115 20.17 3.32 -16.92
C LEU A 115 19.11 3.43 -15.86
N LEU A 116 19.37 4.24 -14.83
CA LEU A 116 18.36 4.59 -13.83
C LEU A 116 17.22 5.23 -14.58
N PRO A 117 15.98 4.76 -14.50
CA PRO A 117 14.87 5.27 -15.27
C PRO A 117 14.71 6.78 -15.06
N PRO A 118 14.19 7.61 -15.97
CA PRO A 118 13.95 9.01 -15.69
C PRO A 118 13.00 9.17 -14.51
N LEU A 119 13.33 9.98 -13.52
CA LEU A 119 12.47 10.27 -12.37
C LEU A 119 10.98 10.43 -12.63
N ASP A 120 10.54 10.74 -13.83
CA ASP A 120 9.12 10.91 -14.06
C ASP A 120 8.44 9.56 -14.13
N ASN A 121 9.19 8.55 -14.51
CA ASN A 121 8.74 7.18 -14.60
C ASN A 121 8.68 6.46 -13.25
N ILE A 122 8.98 7.08 -12.10
CA ILE A 122 8.81 6.36 -10.86
C ILE A 122 7.33 6.52 -10.49
N ILE A 123 6.63 5.41 -10.24
CA ILE A 123 5.24 5.50 -9.92
C ILE A 123 5.03 5.44 -8.43
N ASN A 124 5.99 4.81 -7.73
CA ASN A 124 5.84 4.73 -6.31
C ASN A 124 7.12 4.52 -5.54
N LEU A 125 6.93 4.61 -4.22
CA LEU A 125 7.95 4.42 -3.22
C LEU A 125 8.64 3.08 -3.38
N TYR A 126 7.95 2.00 -3.84
CA TYR A 126 8.65 0.73 -3.98
C TYR A 126 9.62 0.76 -5.14
N ASP A 127 9.58 1.71 -6.09
CA ASP A 127 10.49 1.71 -7.25
C ASP A 127 11.84 2.16 -6.79
N PHE A 128 11.87 3.23 -5.95
CA PHE A 128 13.13 3.68 -5.35
C PHE A 128 13.85 2.52 -4.62
N GLU A 129 13.10 1.61 -3.94
CA GLU A 129 13.69 0.51 -3.20
C GLU A 129 14.34 -0.44 -4.14
N TYR A 130 13.59 -0.80 -5.17
CA TYR A 130 14.13 -1.71 -6.15
C TYR A 130 15.39 -1.14 -6.76
N LEU A 131 15.28 0.10 -7.27
CA LEU A 131 16.44 0.76 -7.84
C LEU A 131 17.56 0.84 -6.81
N ALA A 132 17.29 1.16 -5.55
CA ALA A 132 18.33 1.24 -4.57
C ALA A 132 18.85 -0.14 -4.23
N SER A 133 18.17 -1.29 -4.30
CA SER A 133 18.84 -2.57 -3.94
C SER A 133 19.86 -2.99 -4.99
N GLN A 134 19.70 -2.48 -6.21
CA GLN A 134 20.59 -2.75 -7.33
C GLN A 134 21.83 -1.91 -7.43
N THR A 135 21.69 -0.58 -7.32
CA THR A 135 22.86 0.18 -7.52
C THR A 135 23.52 0.45 -6.18
N LEU A 136 22.96 0.28 -5.00
CA LEU A 136 23.71 0.52 -3.79
C LEU A 136 24.77 -0.56 -3.47
N THR A 137 25.85 0.00 -2.90
CA THR A 137 26.96 -0.73 -2.35
C THR A 137 26.48 -1.70 -1.29
N LYS A 138 27.01 -2.92 -1.19
CA LYS A 138 26.64 -3.91 -0.13
C LYS A 138 26.66 -3.43 1.33
N GLN A 139 27.60 -2.58 1.78
CA GLN A 139 27.56 -2.09 3.13
C GLN A 139 26.31 -1.26 3.21
N ALA A 140 26.08 -0.31 2.28
CA ALA A 140 24.94 0.57 2.36
C ALA A 140 23.65 -0.21 2.18
N TRP A 141 23.55 -1.23 1.32
CA TRP A 141 22.29 -1.98 1.21
C TRP A 141 22.01 -2.72 2.50
N ALA A 142 23.04 -3.36 3.04
CA ALA A 142 22.87 -4.07 4.27
C ALA A 142 22.39 -3.12 5.35
N PHE A 143 23.05 -1.98 5.47
CA PHE A 143 22.81 -1.13 6.59
C PHE A 143 21.41 -0.54 6.45
N TYR A 144 21.06 -0.09 5.25
CA TYR A 144 19.76 0.56 5.08
C TYR A 144 18.64 -0.41 5.21
N SER A 145 18.81 -1.64 4.72
CA SER A 145 17.69 -2.51 4.66
C SER A 145 17.53 -3.48 5.81
N SER A 146 18.46 -3.64 6.73
CA SER A 146 18.25 -4.70 7.66
C SER A 146 17.33 -4.39 8.81
N GLY A 147 16.91 -5.46 9.46
CA GLY A 147 16.05 -5.40 10.59
C GLY A 147 16.78 -6.13 11.65
N ALA A 148 16.33 -6.16 12.87
CA ALA A 148 17.04 -6.88 13.89
C ALA A 148 16.67 -8.30 13.75
N ASN A 149 17.67 -9.14 13.77
CA ASN A 149 17.49 -10.51 14.14
C ASN A 149 16.49 -11.24 13.33
N ASP A 150 16.68 -11.70 12.14
CA ASP A 150 15.58 -12.40 11.42
C ASP A 150 14.19 -11.78 11.22
N GLU A 151 14.09 -10.51 11.57
CA GLU A 151 13.21 -9.57 10.91
C GLU A 151 11.72 -9.64 10.89
N VAL A 152 11.09 -10.34 11.85
CA VAL A 152 9.63 -10.38 11.81
C VAL A 152 9.12 -8.99 12.25
N THR A 153 9.60 -8.20 13.25
CA THR A 153 8.95 -6.92 13.50
C THR A 153 9.07 -5.92 12.35
N HIS A 154 10.15 -6.02 11.58
CA HIS A 154 10.32 -5.12 10.46
C HIS A 154 9.26 -5.41 9.43
N ARG A 155 9.05 -6.60 8.88
CA ARG A 155 7.99 -6.85 7.87
C ARG A 155 6.61 -6.70 8.48
N GLU A 156 6.48 -7.08 9.73
CA GLU A 156 5.26 -6.90 10.46
C GLU A 156 4.74 -5.44 10.47
N ASN A 157 5.64 -4.50 10.70
CA ASN A 157 5.34 -3.10 10.66
C ASN A 157 4.56 -2.75 9.41
N HIS A 158 4.78 -3.35 8.25
CA HIS A 158 4.05 -2.94 7.07
C HIS A 158 2.80 -3.78 7.02
N ASN A 159 2.86 -5.12 7.14
CA ASN A 159 1.69 -5.97 7.02
C ASN A 159 0.57 -5.66 7.97
N ALA A 160 0.83 -5.09 9.12
CA ALA A 160 -0.22 -4.83 10.06
C ALA A 160 -1.16 -3.81 9.49
N TYR A 161 -0.70 -2.92 8.63
CA TYR A 161 -1.55 -1.94 7.97
C TYR A 161 -2.56 -2.67 7.14
N HIS A 162 -2.09 -3.79 6.57
CA HIS A 162 -2.95 -4.56 5.73
C HIS A 162 -3.98 -5.33 6.53
N ARG A 163 -3.98 -5.30 7.87
CA ARG A 163 -5.11 -5.91 8.57
C ARG A 163 -6.19 -4.85 8.76
N ILE A 164 -6.13 -3.65 8.17
CA ILE A 164 -7.17 -2.66 8.32
C ILE A 164 -7.74 -2.32 6.96
N PHE A 165 -9.06 -2.48 6.73
CA PHE A 165 -9.74 -1.98 5.51
C PHE A 165 -10.50 -0.69 5.80
N PHE A 166 -11.18 -0.15 4.77
CA PHE A 166 -11.88 1.15 4.80
C PHE A 166 -13.37 1.10 4.64
N LYS A 167 -14.02 2.16 5.01
CA LYS A 167 -15.46 2.22 4.96
C LYS A 167 -15.77 3.52 4.24
N PRO A 168 -15.58 3.62 2.95
CA PRO A 168 -15.68 4.86 2.22
C PRO A 168 -17.02 5.56 2.23
N LYS A 169 -17.16 6.90 2.39
CA LYS A 169 -18.45 7.56 2.22
C LYS A 169 -18.53 7.94 0.73
N ILE A 170 -19.71 7.96 0.15
CA ILE A 170 -19.93 8.19 -1.24
C ILE A 170 -20.81 9.44 -1.35
N LEU A 171 -20.86 10.05 -2.56
CA LEU A 171 -21.75 11.16 -2.90
C LEU A 171 -21.62 12.30 -1.90
N VAL A 172 -20.33 12.61 -1.80
CA VAL A 172 -19.81 13.67 -0.96
C VAL A 172 -18.96 14.44 -1.92
N ASP A 173 -19.02 15.75 -1.82
CA ASP A 173 -18.38 16.58 -2.81
C ASP A 173 -16.95 16.72 -2.36
N VAL A 174 -16.08 16.00 -3.05
CA VAL A 174 -14.68 16.00 -2.67
C VAL A 174 -13.87 16.61 -3.78
N ARG A 175 -14.24 17.87 -4.06
CA ARG A 175 -13.63 18.66 -5.13
C ARG A 175 -12.30 19.20 -4.70
N LYS A 176 -12.32 19.94 -3.60
CA LYS A 176 -11.11 20.44 -3.02
C LYS A 176 -11.04 19.48 -1.86
N VAL A 177 -9.83 19.03 -1.61
CA VAL A 177 -9.36 18.17 -0.52
C VAL A 177 -8.20 18.94 0.07
N ASP A 178 -7.97 19.13 1.39
CA ASP A 178 -6.73 19.76 1.87
C ASP A 178 -6.10 18.83 2.87
N ILE A 179 -4.83 18.45 2.66
CA ILE A 179 -4.14 17.53 3.57
C ILE A 179 -3.12 18.13 4.57
N SER A 180 -3.17 19.43 4.87
CA SER A 180 -2.13 20.00 5.71
C SER A 180 -2.63 19.71 7.09
N THR A 181 -1.80 19.85 8.07
CA THR A 181 -2.16 19.53 9.41
C THR A 181 -1.17 20.35 10.22
N ASP A 182 -1.25 20.23 11.55
CA ASP A 182 -0.18 20.82 12.26
C ASP A 182 0.44 19.82 13.26
N MET A 183 1.76 19.93 13.38
CA MET A 183 2.51 18.99 14.14
C MET A 183 3.40 19.82 15.03
N LEU A 184 3.46 19.40 16.29
CA LEU A 184 4.23 20.06 17.30
C LEU A 184 4.18 21.60 17.25
N GLY A 185 2.93 22.05 17.10
CA GLY A 185 2.67 23.47 17.03
C GLY A 185 3.16 24.18 15.79
N SER A 186 3.28 23.55 14.62
CA SER A 186 3.68 24.23 13.40
C SER A 186 2.75 23.78 12.32
N HIS A 187 2.31 24.60 11.38
CA HIS A 187 1.39 24.07 10.38
C HIS A 187 2.34 23.57 9.37
N VAL A 188 2.07 22.34 8.98
CA VAL A 188 2.86 21.54 8.08
C VAL A 188 1.98 21.20 6.88
N ASP A 189 2.59 21.16 5.72
CA ASP A 189 1.91 20.93 4.48
C ASP A 189 1.31 19.58 4.26
N VAL A 190 1.85 18.60 4.94
CA VAL A 190 1.55 17.22 4.65
C VAL A 190 1.47 16.49 5.98
N PRO A 191 0.71 15.42 6.23
CA PRO A 191 0.73 14.67 7.47
C PRO A 191 1.85 13.65 7.63
N PHE A 192 3.05 13.71 7.06
CA PHE A 192 4.11 12.75 7.23
C PHE A 192 5.45 13.51 7.25
N TYR A 193 6.50 12.86 7.76
CA TYR A 193 7.77 13.49 7.96
C TYR A 193 8.88 12.49 7.60
N VAL A 194 10.09 12.98 7.39
CA VAL A 194 11.22 12.11 7.17
C VAL A 194 11.79 11.77 8.57
N SER A 195 11.92 10.51 8.96
CA SER A 195 12.38 10.10 10.26
C SER A 195 13.89 10.11 10.26
N ALA A 196 14.62 10.25 11.37
CA ALA A 196 16.08 10.27 11.38
C ALA A 196 16.66 8.96 10.89
N THR A 197 17.72 9.01 10.12
CA THR A 197 18.34 7.88 9.51
C THR A 197 19.82 8.14 9.75
N ALA A 198 20.59 7.23 10.28
CA ALA A 198 21.99 7.48 10.47
C ALA A 198 22.68 7.37 9.11
N LEU A 199 23.95 7.70 9.02
CA LEU A 199 24.75 7.68 7.81
C LEU A 199 24.12 7.78 6.41
N CYS A 200 23.35 8.83 6.05
CA CYS A 200 22.93 8.99 4.66
C CYS A 200 24.09 9.18 3.68
N LYS A 201 25.33 9.61 4.01
CA LYS A 201 26.40 9.63 2.99
C LYS A 201 26.80 8.24 2.46
N LEU A 202 26.43 7.09 3.06
CA LEU A 202 26.72 5.79 2.47
C LEU A 202 25.99 5.68 1.15
N GLY A 203 24.78 6.22 1.00
CA GLY A 203 23.98 6.07 -0.20
C GLY A 203 24.06 7.27 -1.09
N ASN A 204 24.32 8.44 -0.54
CA ASN A 204 24.42 9.66 -1.31
C ASN A 204 25.72 10.24 -0.80
N PRO A 205 26.86 9.82 -1.29
CA PRO A 205 28.15 10.27 -0.74
C PRO A 205 28.51 11.76 -0.79
N LEU A 206 28.23 12.48 -1.88
CA LEU A 206 28.49 13.92 -1.97
C LEU A 206 27.67 14.77 -1.00
N GLU A 207 26.37 14.49 -0.87
CA GLU A 207 25.55 15.37 -0.10
C GLU A 207 24.89 14.84 1.13
N GLY A 208 24.55 13.54 1.08
CA GLY A 208 23.88 12.89 2.19
C GLY A 208 22.66 13.67 2.66
N GLU A 209 22.63 13.95 3.97
CA GLU A 209 21.49 14.59 4.60
C GLU A 209 21.23 15.95 4.00
N LYS A 210 22.21 16.65 3.41
CA LYS A 210 21.98 17.98 2.84
C LYS A 210 21.00 17.86 1.73
N ASP A 211 21.16 16.91 0.81
CA ASP A 211 20.15 16.69 -0.19
C ASP A 211 18.81 16.27 0.39
N VAL A 212 18.65 15.71 1.61
CA VAL A 212 17.27 15.42 1.94
C VAL A 212 16.70 16.75 2.42
N ALA A 213 17.50 17.62 3.08
CA ALA A 213 17.10 18.99 3.52
C ALA A 213 16.56 19.82 2.38
N ARG A 214 17.30 19.72 1.26
CA ARG A 214 16.99 20.38 0.00
C ARG A 214 15.72 19.83 -0.60
N GLY A 215 15.53 18.53 -0.81
CA GLY A 215 14.29 18.02 -1.42
C GLY A 215 13.06 18.27 -0.53
N CYS A 216 13.19 18.26 0.80
CA CYS A 216 12.04 18.49 1.67
C CYS A 216 11.56 19.92 1.53
N GLY A 217 12.41 20.97 1.43
CA GLY A 217 11.96 22.35 1.34
C GLY A 217 12.08 22.95 -0.07
N GLN A 218 12.47 22.32 -1.16
CA GLN A 218 12.60 23.09 -2.37
C GLN A 218 11.28 23.25 -3.09
N GLY A 219 10.32 22.33 -2.99
CA GLY A 219 9.16 22.36 -3.87
C GLY A 219 8.00 23.10 -3.28
N VAL A 220 6.83 22.86 -3.87
CA VAL A 220 5.63 23.49 -3.36
C VAL A 220 5.11 22.72 -2.14
N THR A 221 5.41 21.43 -1.91
CA THR A 221 4.99 20.69 -0.71
C THR A 221 6.24 20.58 0.13
N LYS A 222 6.28 21.02 1.36
CA LYS A 222 7.50 20.97 2.14
C LYS A 222 7.18 20.14 3.34
N VAL A 223 8.13 19.27 3.63
CA VAL A 223 7.96 18.23 4.61
C VAL A 223 8.92 18.32 5.80
N PRO A 224 8.58 18.05 7.09
CA PRO A 224 9.47 18.12 8.27
C PRO A 224 10.69 17.23 8.17
N GLN A 225 11.91 17.64 8.55
CA GLN A 225 13.02 16.70 8.43
C GLN A 225 13.49 16.38 9.80
N MET A 226 13.57 15.15 10.24
CA MET A 226 14.16 14.89 11.53
C MET A 226 15.65 14.53 11.34
N ILE A 227 16.55 15.31 11.96
CA ILE A 227 17.98 15.12 11.76
C ILE A 227 18.53 14.10 12.77
N SER A 228 19.38 13.14 12.45
CA SER A 228 19.88 12.12 13.36
C SER A 228 21.08 12.47 14.21
N THR A 229 21.20 12.23 15.53
CA THR A 229 22.44 12.46 16.30
C THR A 229 23.63 11.69 15.69
N LEU A 230 23.50 10.75 14.77
CA LEU A 230 24.60 9.97 14.27
C LEU A 230 24.47 10.10 12.75
N ALA A 231 24.51 11.32 12.29
CA ALA A 231 24.36 11.62 10.87
C ALA A 231 25.71 11.85 10.26
N SER A 232 25.96 11.49 9.01
CA SER A 232 27.21 11.80 8.34
C SER A 232 27.47 13.30 8.24
N CYS A 233 26.50 14.20 8.37
CA CYS A 233 26.74 15.64 8.23
C CYS A 233 26.55 16.29 9.55
N SER A 234 27.02 17.51 9.74
CA SER A 234 26.79 18.13 11.02
C SER A 234 25.38 18.74 11.01
N PRO A 235 24.65 19.08 12.08
CA PRO A 235 23.39 19.80 11.99
C PRO A 235 23.66 21.15 11.38
N GLU A 236 24.76 21.83 11.70
CA GLU A 236 24.88 23.17 11.16
C GLU A 236 24.98 23.06 9.66
N GLU A 237 25.55 22.05 9.00
CA GLU A 237 25.54 21.98 7.52
C GLU A 237 24.15 21.75 6.94
N ILE A 238 23.42 20.81 7.55
CA ILE A 238 22.07 20.41 7.14
C ILE A 238 21.07 21.56 7.27
N ILE A 239 21.16 22.39 8.31
CA ILE A 239 20.22 23.48 8.47
C ILE A 239 20.60 24.59 7.51
N GLU A 240 21.88 24.77 7.24
CA GLU A 240 22.27 25.75 6.25
C GLU A 240 21.73 25.25 4.94
N ALA A 241 21.75 23.95 4.65
CA ALA A 241 21.39 23.56 3.28
C ALA A 241 19.91 23.61 3.00
N ALA A 242 19.10 23.89 4.01
CA ALA A 242 17.68 23.90 3.85
C ALA A 242 17.29 25.04 2.93
N PRO A 243 16.67 24.90 1.75
CA PRO A 243 16.33 26.00 0.86
C PRO A 243 15.12 26.87 1.16
N SER A 244 14.25 26.55 2.10
CA SER A 244 13.10 27.40 2.35
C SER A 244 13.05 27.88 3.77
N ASP A 245 12.85 29.13 4.16
CA ASP A 245 12.75 29.53 5.58
C ASP A 245 11.43 28.96 6.10
N LYS A 246 10.47 28.64 5.24
CA LYS A 246 9.31 28.03 5.79
C LYS A 246 9.48 26.53 6.03
N GLN A 247 10.55 25.76 5.73
CA GLN A 247 10.58 24.34 6.06
C GLN A 247 10.98 24.13 7.51
N ILE A 248 10.62 22.98 8.11
CA ILE A 248 10.81 22.61 9.52
C ILE A 248 11.87 21.56 9.70
N GLN A 249 12.64 21.63 10.77
CA GLN A 249 13.64 20.62 11.09
C GLN A 249 13.50 20.26 12.56
N TRP A 250 13.65 18.99 12.87
CA TRP A 250 13.44 18.45 14.22
C TRP A 250 14.71 17.72 14.59
N TYR A 251 15.16 17.69 15.86
CA TYR A 251 16.44 17.06 16.11
C TYR A 251 16.27 15.83 16.97
N GLN A 252 16.98 14.76 16.63
CA GLN A 252 16.83 13.47 17.29
C GLN A 252 18.09 13.29 18.04
N LEU A 253 17.89 12.87 19.26
CA LEU A 253 18.96 12.85 20.24
C LEU A 253 19.12 11.49 20.86
N TYR A 254 20.33 10.98 20.92
CA TYR A 254 20.59 9.84 21.78
C TYR A 254 21.25 10.48 23.04
N VAL A 255 20.87 10.29 24.30
CA VAL A 255 21.60 10.98 25.32
C VAL A 255 22.77 10.08 25.69
N ASN A 256 23.95 10.69 25.78
CA ASN A 256 25.27 10.11 26.00
C ASN A 256 25.46 9.74 27.41
N SER A 257 26.38 8.85 27.76
CA SER A 257 26.76 8.60 29.13
C SER A 257 27.43 9.81 29.75
N ASP A 258 27.96 10.78 28.98
CA ASP A 258 28.62 11.96 29.52
C ASP A 258 27.59 13.03 29.31
N ARG A 259 26.75 13.29 30.31
CA ARG A 259 25.60 14.15 30.10
C ARG A 259 25.91 15.55 29.72
N LYS A 260 27.09 16.08 30.03
CA LYS A 260 27.43 17.39 29.54
C LYS A 260 27.46 17.36 28.01
N ILE A 261 27.96 16.30 27.34
CA ILE A 261 27.98 16.24 25.89
C ILE A 261 26.56 16.42 25.41
N THR A 262 25.57 15.74 25.94
CA THR A 262 24.21 15.95 25.50
C THR A 262 23.82 17.38 25.74
N ASP A 263 24.18 17.90 26.92
CA ASP A 263 23.85 19.25 27.35
C ASP A 263 24.30 20.27 26.35
N ASP A 264 25.51 20.17 25.89
CA ASP A 264 25.96 21.07 24.87
C ASP A 264 25.34 20.77 23.52
N LEU A 265 25.00 19.53 23.16
CA LEU A 265 24.39 19.24 21.88
C LEU A 265 23.02 19.88 21.77
N VAL A 266 22.25 19.84 22.88
CA VAL A 266 20.90 20.38 22.92
C VAL A 266 20.89 21.89 22.83
N LYS A 267 21.73 22.58 23.57
CA LYS A 267 21.75 24.03 23.52
C LYS A 267 22.23 24.42 22.13
N ASN A 268 23.15 23.67 21.50
CA ASN A 268 23.58 24.03 20.15
C ASN A 268 22.47 23.87 19.11
N VAL A 269 21.73 22.74 19.06
CA VAL A 269 20.63 22.67 18.09
C VAL A 269 19.45 23.54 18.46
N GLU A 270 19.20 24.03 19.68
CA GLU A 270 18.11 24.96 19.87
C GLU A 270 18.48 26.25 19.15
N LYS A 271 19.74 26.69 19.31
CA LYS A 271 20.21 27.94 18.73
C LYS A 271 20.20 27.84 17.22
N LEU A 272 20.63 26.73 16.64
CA LEU A 272 20.58 26.51 15.21
C LEU A 272 19.18 26.55 14.63
N GLY A 273 18.13 26.56 15.45
CA GLY A 273 16.81 26.70 14.91
C GLY A 273 15.92 25.49 14.84
N VAL A 274 16.37 24.34 15.35
CA VAL A 274 15.50 23.18 15.18
C VAL A 274 14.24 23.31 16.05
N LYS A 275 13.09 22.91 15.54
CA LYS A 275 11.86 23.05 16.29
C LYS A 275 11.49 21.99 17.28
N ALA A 276 12.03 20.78 17.43
CA ALA A 276 11.59 19.92 18.53
C ALA A 276 12.65 18.93 18.87
N LEU A 277 12.63 18.29 20.03
CA LEU A 277 13.65 17.29 20.35
C LEU A 277 13.08 15.88 20.35
N PHE A 278 13.40 14.93 19.48
CA PHE A 278 12.84 13.59 19.53
C PHE A 278 13.96 12.92 20.25
N VAL A 279 13.74 12.41 21.47
CA VAL A 279 14.78 11.67 22.23
C VAL A 279 14.64 10.19 21.90
N THR A 280 15.59 9.43 21.37
CA THR A 280 15.29 8.07 20.94
C THR A 280 15.57 7.15 22.13
N VAL A 281 14.51 6.55 22.68
CA VAL A 281 14.68 5.71 23.84
C VAL A 281 14.63 4.22 23.60
N ASP A 282 14.40 3.81 22.35
CA ASP A 282 14.22 2.40 22.14
C ASP A 282 15.50 1.70 21.82
N ALA A 283 16.70 2.17 22.17
CA ALA A 283 17.96 1.49 21.77
C ALA A 283 19.02 1.58 22.87
N PRO A 284 18.80 1.21 24.15
CA PRO A 284 19.83 1.00 25.15
C PRO A 284 21.04 0.28 24.67
N SER A 285 20.78 -0.79 23.94
CA SER A 285 21.78 -1.65 23.34
C SER A 285 21.57 -1.68 21.81
N LEU A 286 22.50 -1.65 20.86
CA LEU A 286 22.11 -1.68 19.46
C LEU A 286 21.62 -3.07 19.09
N GLY A 287 20.68 -3.18 18.15
CA GLY A 287 20.08 -4.48 17.79
C GLY A 287 20.95 -5.37 16.92
N GLN A 288 20.95 -6.71 17.02
CA GLN A 288 21.79 -7.51 16.17
C GLN A 288 21.30 -7.50 14.74
N ARG A 289 21.95 -6.84 13.78
CA ARG A 289 21.53 -6.90 12.40
C ARG A 289 22.48 -7.74 11.62
N GLU A 290 21.99 -8.96 11.45
CA GLU A 290 22.80 -9.98 10.85
C GLU A 290 23.19 -9.73 9.43
N LYS A 291 22.43 -9.09 8.56
CA LYS A 291 22.91 -8.91 7.18
C LYS A 291 24.17 -8.04 7.21
N ASP A 292 24.34 -7.10 8.15
CA ASP A 292 25.59 -6.33 8.22
C ASP A 292 26.63 -7.27 8.81
N MET A 293 26.40 -7.85 9.98
CA MET A 293 27.35 -8.81 10.57
C MET A 293 27.89 -9.81 9.57
N LYS A 294 27.08 -10.34 8.69
CA LYS A 294 27.54 -11.35 7.78
C LYS A 294 28.50 -10.70 6.82
N LEU A 295 28.27 -9.44 6.44
CA LEU A 295 29.13 -8.74 5.49
C LEU A 295 30.47 -8.38 6.11
N LYS A 296 30.50 -8.06 7.40
CA LYS A 296 31.76 -7.79 8.09
C LYS A 296 32.56 -9.07 8.31
N PHE A 297 32.23 -10.21 7.68
CA PHE A 297 32.99 -11.43 7.74
C PHE A 297 33.29 -11.77 6.27
N SER A 298 33.13 -10.89 5.28
CA SER A 298 33.39 -11.24 3.90
C SER A 298 33.01 -10.04 3.07
N ALA A 321 27.06 -3.22 21.53
CA ALA A 321 25.72 -3.63 21.91
C ALA A 321 25.53 -2.64 23.07
N LEU A 322 26.32 -2.62 24.14
CA LEU A 322 26.31 -1.43 24.96
C LEU A 322 27.45 -0.58 24.41
N SER A 323 27.56 0.69 24.82
CA SER A 323 28.72 1.56 24.61
C SER A 323 28.41 2.87 25.36
N LYS A 324 29.24 3.88 25.45
CA LYS A 324 28.83 5.02 26.22
C LYS A 324 28.15 6.08 25.42
N PHE A 325 28.13 5.93 24.12
CA PHE A 325 27.51 6.89 23.26
C PHE A 325 26.02 7.02 23.52
N ILE A 326 25.34 5.90 23.79
CA ILE A 326 23.89 5.90 23.99
C ILE A 326 23.87 5.34 25.38
N ASP A 327 23.54 6.19 26.34
CA ASP A 327 23.67 5.77 27.70
C ASP A 327 22.56 4.78 27.90
N PRO A 328 22.80 3.54 28.32
CA PRO A 328 21.78 2.57 28.65
C PRO A 328 21.10 2.77 29.97
N SER A 329 21.48 3.71 30.84
CA SER A 329 20.72 3.93 32.07
C SER A 329 19.69 5.03 32.03
N LEU A 330 19.37 5.58 30.87
CA LEU A 330 18.39 6.62 30.75
C LEU A 330 17.08 6.15 31.42
N THR A 331 16.38 7.00 32.13
CA THR A 331 15.25 6.62 32.95
C THR A 331 14.26 7.72 32.80
N TRP A 332 12.99 7.56 33.15
CA TRP A 332 12.04 8.65 33.10
C TRP A 332 12.46 9.90 33.86
N LYS A 333 13.27 9.80 34.92
CA LYS A 333 13.79 10.95 35.65
C LYS A 333 14.71 11.75 34.76
N ASP A 334 15.57 11.15 33.97
CA ASP A 334 16.29 11.91 32.97
C ASP A 334 15.46 12.69 31.95
N ILE A 335 14.21 12.39 31.63
CA ILE A 335 13.53 13.18 30.62
C ILE A 335 12.99 14.36 31.39
N GLU A 336 12.53 14.27 32.65
CA GLU A 336 12.11 15.43 33.42
C GLU A 336 13.29 16.37 33.54
N GLU A 337 14.47 15.96 33.98
CA GLU A 337 15.56 16.91 34.04
C GLU A 337 15.88 17.47 32.66
N LEU A 338 15.75 16.72 31.57
CA LEU A 338 16.03 17.24 30.24
C LEU A 338 14.98 18.31 29.91
N LYS A 339 13.69 18.24 30.36
CA LYS A 339 12.73 19.29 30.04
C LYS A 339 13.24 20.59 30.62
N LYS A 340 13.75 20.59 31.84
CA LYS A 340 14.15 21.84 32.48
C LYS A 340 15.23 22.56 31.68
N LYS A 341 16.05 21.80 31.00
CA LYS A 341 17.14 22.38 30.32
C LYS A 341 16.65 22.88 28.96
N THR A 342 15.39 22.78 28.46
CA THR A 342 15.19 23.11 27.05
C THR A 342 13.86 23.69 26.78
N LYS A 343 13.75 24.53 25.76
CA LYS A 343 12.46 25.11 25.48
C LYS A 343 11.77 24.47 24.28
N LEU A 344 12.42 23.49 23.63
CA LEU A 344 11.79 22.92 22.45
C LEU A 344 10.81 21.86 22.92
N PRO A 345 9.73 21.46 22.28
CA PRO A 345 8.91 20.35 22.76
C PRO A 345 9.77 19.11 22.64
N ILE A 346 9.64 18.21 23.61
CA ILE A 346 10.42 16.95 23.72
C ILE A 346 9.47 15.86 23.22
N VAL A 347 9.84 14.96 22.29
CA VAL A 347 9.02 13.83 21.86
C VAL A 347 9.85 12.58 22.15
N ILE A 348 9.39 11.62 22.93
CA ILE A 348 10.08 10.35 23.24
C ILE A 348 9.91 9.43 22.02
N LYS A 349 10.93 9.00 21.32
CA LYS A 349 10.76 8.27 20.09
C LYS A 349 11.10 6.86 20.39
N GLY A 350 10.18 5.89 20.31
CA GLY A 350 10.50 4.49 20.50
C GLY A 350 9.60 3.84 21.54
N VAL A 351 8.38 4.35 21.73
CA VAL A 351 7.51 3.79 22.73
C VAL A 351 6.83 2.54 22.19
N GLN A 352 6.59 1.49 22.98
CA GLN A 352 6.17 0.22 22.40
C GLN A 352 5.03 -0.41 23.18
N ARG A 353 4.42 0.31 24.11
CA ARG A 353 3.24 -0.17 24.80
C ARG A 353 2.53 1.06 25.32
N THR A 354 1.27 0.84 25.64
CA THR A 354 0.35 1.88 26.06
C THR A 354 0.76 2.38 27.40
N GLU A 355 1.32 1.52 28.27
CA GLU A 355 1.73 1.96 29.59
C GLU A 355 2.75 3.07 29.51
N ASP A 356 3.65 3.05 28.53
CA ASP A 356 4.63 4.11 28.47
C ASP A 356 4.14 5.33 27.75
N VAL A 357 3.01 5.25 27.07
CA VAL A 357 2.46 6.40 26.37
C VAL A 357 1.85 7.15 27.52
N ILE A 358 1.18 6.48 28.47
CA ILE A 358 0.55 7.17 29.58
C ILE A 358 1.65 7.71 30.44
N LYS A 359 2.70 6.96 30.77
CA LYS A 359 3.80 7.51 31.56
C LYS A 359 4.33 8.82 30.94
N ALA A 360 4.65 8.87 29.65
CA ALA A 360 5.03 10.07 28.91
C ALA A 360 3.99 11.21 29.07
N ALA A 361 2.68 10.91 28.99
CA ALA A 361 1.66 11.91 29.21
C ALA A 361 1.77 12.38 30.66
N GLU A 362 2.13 11.56 31.65
CA GLU A 362 2.19 11.98 33.05
C GLU A 362 3.43 12.81 33.27
N ILE A 363 4.62 12.54 32.75
CA ILE A 363 5.72 13.44 33.00
C ILE A 363 5.56 14.67 32.17
N GLY A 364 4.49 14.79 31.40
CA GLY A 364 4.19 16.02 30.66
C GLY A 364 5.22 16.41 29.64
N VAL A 365 5.44 15.52 28.69
CA VAL A 365 6.38 15.70 27.60
C VAL A 365 5.53 16.08 26.40
N SER A 366 5.96 16.52 25.21
CA SER A 366 4.94 16.96 24.24
C SER A 366 4.37 15.91 23.33
N GLY A 367 4.95 14.75 23.14
CA GLY A 367 4.35 13.75 22.28
C GLY A 367 5.21 12.50 22.29
N VAL A 368 4.76 11.42 21.67
CA VAL A 368 5.46 10.17 21.73
C VAL A 368 5.46 9.64 20.32
N VAL A 369 6.54 9.07 19.81
CA VAL A 369 6.53 8.44 18.50
C VAL A 369 6.43 6.96 18.78
N LEU A 370 5.35 6.21 18.48
CA LEU A 370 5.25 4.77 18.69
C LEU A 370 5.98 4.20 17.49
N SER A 371 7.10 3.55 17.82
CA SER A 371 8.07 3.14 16.87
C SER A 371 8.85 2.03 17.49
N ASN A 372 9.36 1.12 16.71
CA ASN A 372 10.25 0.10 17.20
C ASN A 372 11.55 0.24 16.40
N HIS A 373 11.89 1.42 15.94
CA HIS A 373 13.11 1.74 15.26
C HIS A 373 13.24 1.03 13.95
N GLY A 374 12.14 0.87 13.21
CA GLY A 374 12.14 0.21 11.91
C GLY A 374 12.37 -1.29 11.95
N GLY A 375 12.11 -1.83 13.11
CA GLY A 375 12.23 -3.26 13.38
C GLY A 375 13.67 -3.72 13.30
N ARG A 376 14.54 -2.88 13.88
CA ARG A 376 15.96 -3.08 13.95
C ARG A 376 16.35 -3.20 15.41
N GLN A 377 15.45 -3.27 16.34
CA GLN A 377 15.92 -3.31 17.69
C GLN A 377 15.46 -4.63 18.32
N LEU A 378 14.41 -4.69 19.15
CA LEU A 378 13.91 -5.92 19.75
C LEU A 378 13.05 -6.55 18.63
N ASP A 379 13.31 -7.82 18.25
CA ASP A 379 12.64 -8.37 17.11
C ASP A 379 11.34 -8.97 17.45
N PHE A 380 10.71 -9.54 18.49
CA PHE A 380 9.24 -9.70 18.22
C PHE A 380 8.40 -8.53 18.76
N SER A 381 8.75 -7.26 18.44
CA SER A 381 8.01 -6.12 18.94
C SER A 381 6.80 -5.97 18.03
N ARG A 382 5.71 -5.37 18.51
CA ARG A 382 4.53 -5.21 17.68
C ARG A 382 4.55 -4.10 16.65
N ALA A 383 3.62 -4.22 15.75
CA ALA A 383 3.44 -3.19 14.76
C ALA A 383 2.94 -1.88 15.38
N PRO A 384 3.58 -0.67 15.30
CA PRO A 384 3.09 0.59 15.84
C PRO A 384 1.64 0.88 15.48
N ILE A 385 1.02 0.42 14.37
CA ILE A 385 -0.37 0.78 14.09
C ILE A 385 -1.23 -0.01 15.05
N GLU A 386 -0.82 -1.24 15.34
CA GLU A 386 -1.56 -2.06 16.25
C GLU A 386 -1.43 -1.43 17.61
N VAL A 387 -0.27 -1.02 18.13
CA VAL A 387 -0.27 -0.38 19.44
C VAL A 387 -1.09 0.92 19.38
N LEU A 388 -1.04 1.72 18.27
CA LEU A 388 -1.78 2.96 18.15
C LEU A 388 -3.23 2.67 18.42
N ALA A 389 -3.73 1.62 17.80
CA ALA A 389 -5.14 1.28 17.92
C ALA A 389 -5.54 1.01 19.36
N GLU A 390 -4.67 0.31 20.06
CA GLU A 390 -4.88 -0.07 21.43
C GLU A 390 -4.86 1.11 22.32
N THR A 391 -3.96 2.07 22.06
CA THR A 391 -3.73 3.24 22.90
C THR A 391 -4.78 4.36 22.83
N MET A 392 -5.06 4.89 21.63
CA MET A 392 -5.99 6.01 21.50
C MET A 392 -7.34 5.91 22.24
N PRO A 393 -8.07 4.80 22.31
CA PRO A 393 -9.22 4.62 23.18
C PRO A 393 -8.87 4.84 24.63
N ILE A 394 -7.74 4.31 25.14
CA ILE A 394 -7.27 4.57 26.50
C ILE A 394 -6.98 6.06 26.71
N LEU A 395 -6.22 6.80 25.86
CA LEU A 395 -5.96 8.23 26.08
C LEU A 395 -7.30 8.97 26.13
N GLU A 396 -8.28 8.60 25.32
CA GLU A 396 -9.61 9.15 25.51
C GLU A 396 -10.18 8.71 26.85
N GLN A 397 -10.48 7.46 27.26
CA GLN A 397 -10.92 7.12 28.62
C GLN A 397 -10.18 7.91 29.70
N ARG A 398 -8.90 8.30 29.52
CA ARG A 398 -8.16 8.95 30.57
C ARG A 398 -7.99 10.41 30.34
N ASN A 399 -8.81 10.97 29.47
CA ASN A 399 -8.79 12.37 29.05
C ASN A 399 -7.44 13.07 28.88
N LEU A 400 -6.51 12.23 28.41
CA LEU A 400 -5.17 12.59 28.07
C LEU A 400 -5.04 12.80 26.57
N LYS A 401 -6.03 12.50 25.73
CA LYS A 401 -5.82 12.52 24.30
C LYS A 401 -5.39 13.83 23.72
N ASP A 402 -5.84 14.96 24.25
CA ASP A 402 -5.42 16.19 23.63
C ASP A 402 -4.13 16.68 24.20
N LYS A 403 -3.44 15.95 25.08
CA LYS A 403 -2.25 16.50 25.68
C LYS A 403 -0.96 15.73 25.43
N LEU A 404 -0.98 15.02 24.32
CA LEU A 404 0.17 14.24 23.91
C LEU A 404 0.06 14.05 22.40
N GLU A 405 1.00 14.43 21.51
CA GLU A 405 0.75 14.16 20.09
C GLU A 405 1.34 12.80 19.81
N VAL A 406 0.69 11.80 19.22
CA VAL A 406 1.26 10.46 19.04
C VAL A 406 1.71 10.30 17.60
N PHE A 407 2.97 10.09 17.24
CA PHE A 407 3.29 9.87 15.84
C PHE A 407 3.50 8.37 15.76
N VAL A 408 3.70 7.81 14.57
CA VAL A 408 3.74 6.39 14.26
C VAL A 408 4.83 6.24 13.24
N ASP A 409 5.77 5.31 13.20
CA ASP A 409 6.48 5.08 11.94
C ASP A 409 6.70 3.60 11.74
N GLY A 410 7.48 3.28 10.72
CA GLY A 410 7.83 1.90 10.44
C GLY A 410 6.88 1.31 9.46
N GLY A 411 7.32 0.76 8.35
CA GLY A 411 6.41 0.02 7.52
C GLY A 411 5.56 0.87 6.63
N VAL A 412 5.46 2.20 6.78
CA VAL A 412 4.56 3.03 5.97
C VAL A 412 5.04 3.21 4.52
N ARG A 413 4.28 2.76 3.51
CA ARG A 413 4.75 2.81 2.12
C ARG A 413 3.74 3.34 1.13
N ARG A 414 2.46 3.42 1.49
CA ARG A 414 1.47 3.93 0.56
C ARG A 414 0.62 5.01 1.24
N GLY A 415 0.10 6.01 0.53
CA GLY A 415 -0.71 7.03 1.18
C GLY A 415 -1.90 6.43 1.94
N THR A 416 -2.40 5.22 1.63
CA THR A 416 -3.53 4.73 2.40
C THR A 416 -3.06 4.26 3.72
N ASP A 417 -1.76 3.86 3.89
CA ASP A 417 -1.19 3.46 5.20
C ASP A 417 -1.13 4.71 6.07
N VAL A 418 -0.72 5.87 5.48
CA VAL A 418 -0.73 7.12 6.24
C VAL A 418 -2.19 7.37 6.61
N LEU A 419 -3.20 7.20 5.78
CA LEU A 419 -4.56 7.53 6.18
C LEU A 419 -5.02 6.62 7.27
N LYS A 420 -4.57 5.36 7.28
CA LYS A 420 -5.00 4.47 8.35
C LYS A 420 -4.49 4.95 9.69
N ALA A 421 -3.23 5.40 9.81
CA ALA A 421 -2.71 5.86 11.07
C ALA A 421 -3.39 7.13 11.42
N LEU A 422 -3.57 8.07 10.47
CA LEU A 422 -4.24 9.34 10.80
C LEU A 422 -5.69 9.04 11.20
N CYS A 423 -6.53 8.20 10.62
CA CYS A 423 -7.87 7.97 11.13
C CYS A 423 -7.83 7.41 12.57
N LEU A 424 -6.79 6.69 12.95
CA LEU A 424 -6.72 6.17 14.32
C LEU A 424 -6.19 7.29 15.23
N GLY A 425 -5.94 8.47 14.69
CA GLY A 425 -5.60 9.57 15.54
C GLY A 425 -4.11 9.76 15.65
N ALA A 426 -3.22 9.16 14.85
CA ALA A 426 -1.80 9.51 14.95
C ALA A 426 -1.76 10.96 14.50
N LYS A 427 -1.02 11.81 15.20
CA LYS A 427 -0.85 13.18 14.73
C LYS A 427 -0.12 13.32 13.40
N GLY A 428 0.77 12.41 13.03
CA GLY A 428 1.57 12.54 11.82
C GLY A 428 2.38 11.28 11.64
N VAL A 429 2.79 10.87 10.48
CA VAL A 429 3.39 9.57 10.27
C VAL A 429 4.81 9.70 9.77
N GLY A 430 5.81 8.92 10.19
CA GLY A 430 7.16 9.04 9.65
C GLY A 430 7.66 7.90 8.78
N LEU A 431 8.63 8.21 7.95
CA LEU A 431 9.18 7.19 7.09
C LEU A 431 10.69 7.32 7.17
N GLY A 432 11.40 6.21 7.21
CA GLY A 432 12.84 6.25 7.26
C GLY A 432 13.32 5.70 5.96
N ARG A 433 13.26 4.41 5.67
CA ARG A 433 13.82 3.90 4.44
C ARG A 433 13.29 4.50 3.15
N PRO A 434 12.02 4.74 2.81
CA PRO A 434 11.61 5.30 1.53
C PRO A 434 12.45 6.53 1.25
N PHE A 435 12.70 7.47 2.15
CA PHE A 435 13.56 8.64 1.86
C PHE A 435 15.01 8.28 1.75
N LEU A 436 15.56 7.35 2.52
CA LEU A 436 16.92 6.91 2.23
C LEU A 436 17.05 6.33 0.83
N TYR A 437 16.09 5.66 0.22
CA TYR A 437 16.35 5.11 -1.11
C TYR A 437 16.02 6.13 -2.20
N ALA A 438 15.12 7.08 -2.02
CA ALA A 438 14.90 8.07 -3.05
C ALA A 438 16.18 8.92 -3.06
N ASN A 439 16.63 9.44 -1.92
CA ASN A 439 17.86 10.22 -1.84
C ASN A 439 19.08 9.49 -2.36
N SER A 440 19.25 8.21 -2.05
CA SER A 440 20.37 7.47 -2.54
C SER A 440 20.35 7.41 -4.04
N CYS A 441 19.28 7.04 -4.74
CA CYS A 441 19.22 6.94 -6.19
C CYS A 441 19.14 8.28 -6.94
N TYR A 442 18.43 9.28 -6.44
CA TYR A 442 18.17 10.49 -7.17
C TYR A 442 18.44 11.72 -6.31
N GLY A 443 19.10 11.61 -5.18
CA GLY A 443 19.39 12.77 -4.36
C GLY A 443 18.18 13.64 -4.12
N ARG A 444 18.35 14.96 -4.09
CA ARG A 444 17.28 15.85 -3.66
C ARG A 444 16.07 15.80 -4.53
N ASN A 445 16.18 15.41 -5.76
CA ASN A 445 14.97 15.40 -6.56
C ASN A 445 14.31 14.06 -6.35
N GLY A 446 14.99 13.02 -5.92
CA GLY A 446 14.32 11.78 -5.58
C GLY A 446 13.51 12.05 -4.33
N VAL A 447 14.06 12.77 -3.35
CA VAL A 447 13.34 13.05 -2.15
C VAL A 447 12.18 13.95 -2.49
N GLU A 448 12.23 14.86 -3.47
CA GLU A 448 11.05 15.67 -3.79
C GLU A 448 10.03 14.83 -4.51
N LYS A 449 10.46 14.02 -5.44
CA LYS A 449 9.60 13.12 -6.16
C LYS A 449 8.94 12.18 -5.18
N ALA A 450 9.55 11.72 -4.07
CA ALA A 450 8.88 10.77 -3.20
C ALA A 450 7.83 11.58 -2.46
N ILE A 451 8.15 12.79 -1.97
CA ILE A 451 7.18 13.61 -1.27
C ILE A 451 5.91 13.84 -2.11
N GLU A 452 6.15 14.11 -3.40
CA GLU A 452 5.13 14.28 -4.40
C GLU A 452 4.36 12.97 -4.49
N ILE A 453 5.00 11.84 -4.74
CA ILE A 453 4.31 10.55 -4.92
C ILE A 453 3.33 10.29 -3.78
N LEU A 454 3.78 10.49 -2.57
CA LEU A 454 2.97 10.19 -1.43
C LEU A 454 1.94 11.29 -1.18
N ARG A 455 2.20 12.58 -1.40
CA ARG A 455 1.23 13.66 -1.21
C ARG A 455 0.04 13.34 -2.12
N ASP A 456 0.35 13.02 -3.37
CA ASP A 456 -0.66 12.61 -4.30
C ASP A 456 -1.36 11.36 -3.87
N GLU A 457 -0.73 10.25 -3.43
CA GLU A 457 -1.49 9.10 -2.97
C GLU A 457 -2.45 9.43 -1.83
N ILE A 458 -2.00 10.16 -0.80
CA ILE A 458 -2.88 10.59 0.25
C ILE A 458 -4.02 11.38 -0.35
N GLU A 459 -3.81 12.29 -1.27
CA GLU A 459 -4.88 13.20 -1.58
C GLU A 459 -5.96 12.53 -2.40
N MET A 460 -5.45 11.64 -3.25
CA MET A 460 -6.23 10.89 -4.19
C MET A 460 -7.07 9.95 -3.39
N SER A 461 -6.47 9.18 -2.51
CA SER A 461 -7.21 8.27 -1.64
C SER A 461 -8.07 8.97 -0.62
N MET A 462 -7.94 10.27 -0.32
CA MET A 462 -8.88 10.98 0.55
C MET A 462 -10.14 11.37 -0.21
N ARG A 463 -10.12 11.71 -1.53
CA ARG A 463 -11.33 11.99 -2.31
C ARG A 463 -12.15 10.73 -2.23
N LEU A 464 -11.61 9.61 -2.78
CA LEU A 464 -12.19 8.26 -2.77
C LEU A 464 -12.72 7.70 -1.42
N LEU A 465 -12.41 8.34 -0.31
CA LEU A 465 -12.74 7.82 0.98
C LEU A 465 -13.80 8.80 1.50
N GLY A 466 -14.26 9.73 0.66
CA GLY A 466 -15.21 10.79 0.98
C GLY A 466 -14.78 11.84 1.99
N VAL A 467 -13.53 12.27 2.23
CA VAL A 467 -13.27 13.33 3.22
C VAL A 467 -12.43 14.47 2.68
N THR A 468 -12.58 15.67 3.19
CA THR A 468 -11.81 16.74 2.59
C THR A 468 -10.77 17.37 3.47
N SER A 469 -10.54 16.86 4.67
CA SER A 469 -9.49 17.35 5.52
C SER A 469 -9.02 16.32 6.55
N ILE A 470 -7.76 16.35 7.02
CA ILE A 470 -7.19 15.51 8.06
C ILE A 470 -8.14 15.53 9.26
N ALA A 471 -8.76 16.63 9.58
CA ALA A 471 -9.60 16.66 10.77
C ALA A 471 -10.79 15.74 10.61
N GLU A 472 -11.20 15.46 9.38
CA GLU A 472 -12.31 14.58 9.16
C GLU A 472 -11.89 13.12 9.14
N LEU A 473 -10.59 12.79 9.23
CA LEU A 473 -10.14 11.39 9.21
C LEU A 473 -10.40 10.95 10.63
N LYS A 474 -11.35 10.05 10.82
CA LYS A 474 -11.80 9.58 12.13
C LYS A 474 -11.88 8.08 12.18
N PRO A 475 -11.86 7.28 13.26
CA PRO A 475 -11.91 5.83 13.24
C PRO A 475 -13.10 5.31 12.53
N ASP A 476 -14.27 5.95 12.65
CA ASP A 476 -15.43 5.46 11.92
C ASP A 476 -15.24 5.28 10.42
N LEU A 477 -14.17 5.69 9.72
CA LEU A 477 -14.01 5.41 8.29
C LEU A 477 -13.27 4.11 8.10
N LEU A 478 -12.88 3.41 9.16
CA LEU A 478 -12.06 2.21 9.01
C LEU A 478 -12.81 0.98 9.44
N ASP A 479 -12.53 -0.19 8.91
CA ASP A 479 -13.05 -1.39 9.51
C ASP A 479 -11.97 -1.89 10.43
N LEU A 480 -12.00 -1.78 11.72
CA LEU A 480 -10.98 -2.39 12.55
C LEU A 480 -11.27 -3.85 12.91
N SER A 481 -12.35 -4.51 12.46
CA SER A 481 -12.70 -5.83 12.96
C SER A 481 -11.74 -7.00 12.85
N THR A 482 -10.76 -6.97 11.97
CA THR A 482 -9.77 -8.03 11.86
C THR A 482 -8.35 -7.42 12.03
N LEU A 483 -8.29 -6.38 12.90
CA LEU A 483 -7.05 -5.74 13.33
C LEU A 483 -6.20 -6.72 14.07
N LYS A 484 -6.82 -7.65 14.76
CA LYS A 484 -6.10 -8.67 15.48
C LYS A 484 -5.86 -9.97 14.67
N ALA A 485 -6.13 -10.11 13.37
CA ALA A 485 -5.90 -11.35 12.67
C ALA A 485 -4.44 -11.58 12.33
N ARG A 486 -3.64 -11.81 13.37
CA ARG A 486 -2.21 -11.99 13.18
C ARG A 486 -1.98 -13.50 13.29
N THR A 487 -2.05 -14.25 12.23
CA THR A 487 -2.03 -15.69 12.36
C THR A 487 -0.68 -16.41 12.17
N VAL A 488 -0.33 -17.57 12.78
CA VAL A 488 0.81 -18.38 12.32
C VAL A 488 0.09 -19.68 11.99
N GLY A 489 0.20 -20.09 10.74
CA GLY A 489 -0.57 -21.25 10.29
C GLY A 489 0.14 -22.50 10.72
N VAL A 490 -0.65 -23.58 10.76
CA VAL A 490 -0.03 -24.83 11.14
C VAL A 490 0.80 -25.28 9.96
N PRO A 491 1.98 -25.87 10.25
CA PRO A 491 2.99 -26.20 9.23
C PRO A 491 2.26 -27.12 8.32
N ASN A 492 2.39 -27.00 7.03
CA ASN A 492 1.62 -27.97 6.37
C ASN A 492 2.30 -28.48 5.17
N ASP A 493 1.87 -29.71 5.48
CA ASP A 493 1.79 -30.89 4.68
C ASP A 493 2.39 -31.06 3.32
N VAL A 494 3.73 -31.22 3.44
CA VAL A 494 4.55 -31.29 2.24
C VAL A 494 4.21 -32.52 1.44
N LEU A 495 3.93 -33.70 1.99
CA LEU A 495 3.62 -34.84 1.13
C LEU A 495 2.27 -34.64 0.48
N TYR A 496 1.21 -34.23 1.21
CA TYR A 496 -0.12 -34.16 0.63
C TYR A 496 -0.04 -33.20 -0.53
N ASN A 497 0.60 -32.05 -0.30
CA ASN A 497 0.72 -31.09 -1.37
C ASN A 497 1.71 -31.48 -2.39
N GLU A 498 2.73 -32.30 -2.19
CA GLU A 498 3.68 -32.57 -3.23
C GLU A 498 2.95 -33.41 -4.20
N VAL A 499 2.07 -34.32 -3.79
CA VAL A 499 1.39 -35.16 -4.78
C VAL A 499 0.17 -34.50 -5.41
N TYR A 500 -0.56 -33.61 -4.76
CA TYR A 500 -1.73 -32.95 -5.31
C TYR A 500 -1.42 -32.24 -6.60
N GLU A 501 -2.34 -32.17 -7.54
CA GLU A 501 -2.11 -31.53 -8.81
C GLU A 501 -3.28 -30.59 -9.11
N GLY A 502 -3.11 -29.31 -9.38
CA GLY A 502 -4.26 -28.45 -9.53
C GLY A 502 -4.85 -28.46 -10.95
N PRO A 503 -6.10 -27.94 -11.08
CA PRO A 503 -6.78 -27.79 -12.36
C PRO A 503 -5.96 -26.87 -13.24
N THR A 504 -6.00 -27.03 -14.57
CA THR A 504 -5.21 -26.14 -15.42
C THR A 504 -6.02 -25.26 -16.40
N LEU A 505 -5.46 -24.24 -17.04
CA LEU A 505 -6.21 -23.43 -18.00
C LEU A 505 -6.21 -24.05 -19.41
N THR A 506 -6.99 -23.55 -20.38
CA THR A 506 -7.01 -24.10 -21.73
C THR A 506 -5.77 -23.82 -22.46
N GLU A 507 -5.32 -24.83 -23.14
CA GLU A 507 -4.09 -24.79 -23.87
C GLU A 507 -4.42 -24.14 -25.24
N PHE A 508 -3.61 -23.26 -25.81
CA PHE A 508 -3.82 -22.75 -27.16
C PHE A 508 -3.47 -23.90 -28.04
N GLU A 509 -4.05 -24.00 -29.25
CA GLU A 509 -3.73 -25.02 -30.23
C GLU A 509 -2.25 -25.22 -30.52
N ASP A 510 -1.50 -24.14 -30.30
CA ASP A 510 -0.06 -24.18 -30.46
C ASP A 510 0.66 -23.48 -29.33
N ALA A 511 0.34 -22.19 -29.16
CA ALA A 511 1.09 -21.39 -28.22
C ALA A 511 2.29 -20.91 -29.03
N THR B 102 4.31 -3.32 -30.09
CA THR B 102 5.75 -3.51 -30.03
C THR B 102 6.19 -4.69 -30.90
N LYS B 103 5.90 -4.79 -32.21
CA LYS B 103 6.18 -5.97 -33.07
C LYS B 103 5.55 -7.31 -32.67
N GLU B 104 5.19 -7.53 -31.37
CA GLU B 104 4.43 -8.67 -30.86
C GLU B 104 3.21 -9.00 -31.68
N ASP B 105 2.60 -7.99 -32.27
CA ASP B 105 1.48 -8.15 -33.18
C ASP B 105 1.66 -9.33 -34.11
N ILE B 106 2.87 -9.73 -34.49
CA ILE B 106 3.02 -10.96 -35.26
C ILE B 106 2.59 -12.09 -34.33
N ALA B 107 3.21 -12.21 -33.16
CA ALA B 107 2.90 -13.25 -32.16
C ALA B 107 1.44 -13.28 -31.80
N ARG B 108 0.91 -12.16 -31.34
CA ARG B 108 -0.49 -12.11 -31.06
C ARG B 108 -1.36 -12.48 -32.26
N LYS B 109 -1.17 -12.02 -33.52
CA LYS B 109 -2.08 -12.39 -34.61
C LYS B 109 -1.97 -13.84 -35.01
N GLU B 110 -0.86 -14.44 -34.63
CA GLU B 110 -0.72 -15.85 -34.79
C GLU B 110 -1.35 -16.53 -33.59
N GLN B 111 -1.33 -15.95 -32.36
CA GLN B 111 -1.94 -16.52 -31.13
C GLN B 111 -3.42 -16.66 -31.22
N LEU B 112 -4.13 -15.62 -31.68
CA LEU B 112 -5.56 -15.79 -31.84
C LEU B 112 -5.83 -16.63 -33.05
N LYS B 113 -5.42 -16.15 -34.23
CA LYS B 113 -5.74 -16.81 -35.48
C LYS B 113 -5.25 -18.23 -35.47
N SER B 114 -6.38 -18.92 -35.36
CA SER B 114 -6.43 -20.34 -35.35
C SER B 114 -5.43 -20.96 -34.37
N LEU B 115 -5.05 -20.29 -33.28
CA LEU B 115 -4.57 -21.13 -32.23
C LEU B 115 -5.61 -21.09 -31.10
N LEU B 116 -6.48 -20.08 -30.94
CA LEU B 116 -7.54 -20.10 -29.92
C LEU B 116 -8.35 -21.39 -29.91
N PRO B 117 -8.47 -22.18 -28.85
CA PRO B 117 -9.34 -23.36 -28.79
C PRO B 117 -10.78 -23.06 -29.19
N PRO B 118 -11.48 -23.94 -29.87
CA PRO B 118 -12.92 -23.85 -30.11
C PRO B 118 -13.73 -23.44 -28.89
N LEU B 119 -14.69 -22.54 -29.02
CA LEU B 119 -15.58 -22.17 -27.93
C LEU B 119 -16.11 -23.33 -27.11
N ASP B 120 -16.36 -24.45 -27.77
CA ASP B 120 -16.78 -25.69 -27.13
C ASP B 120 -15.71 -26.29 -26.23
N ASN B 121 -14.56 -25.68 -26.01
CA ASN B 121 -13.51 -26.25 -25.19
C ASN B 121 -13.17 -25.33 -24.07
N ILE B 122 -14.06 -24.39 -23.84
CA ILE B 122 -13.86 -23.40 -22.84
C ILE B 122 -14.71 -23.86 -21.66
N ILE B 123 -14.05 -24.43 -20.65
CA ILE B 123 -14.66 -24.97 -19.46
C ILE B 123 -15.08 -23.91 -18.47
N ASN B 124 -14.41 -22.76 -18.38
CA ASN B 124 -14.74 -21.84 -17.28
C ASN B 124 -14.30 -20.41 -17.56
N LEU B 125 -14.87 -19.46 -16.80
CA LEU B 125 -14.63 -18.05 -17.07
C LEU B 125 -13.18 -17.69 -16.96
N TYR B 126 -12.35 -18.36 -16.12
CA TYR B 126 -10.90 -18.11 -16.16
C TYR B 126 -10.32 -18.52 -17.50
N ASP B 127 -10.80 -19.52 -18.30
CA ASP B 127 -10.13 -19.84 -19.57
C ASP B 127 -10.05 -18.61 -20.47
N PHE B 128 -11.17 -17.84 -20.53
CA PHE B 128 -11.25 -16.62 -21.32
C PHE B 128 -10.16 -15.70 -20.86
N GLU B 129 -9.99 -15.52 -19.56
CA GLU B 129 -8.93 -14.67 -19.04
C GLU B 129 -7.58 -15.21 -19.43
N TYR B 130 -7.25 -16.47 -19.25
CA TYR B 130 -5.96 -16.88 -19.70
C TYR B 130 -5.82 -16.57 -21.20
N LEU B 131 -6.72 -16.91 -22.15
CA LEU B 131 -6.54 -16.62 -23.57
C LEU B 131 -6.51 -15.14 -23.91
N ALA B 132 -7.37 -14.30 -23.33
CA ALA B 132 -7.31 -12.85 -23.54
C ALA B 132 -5.98 -12.35 -23.05
N SER B 133 -5.48 -12.75 -21.88
CA SER B 133 -4.18 -12.28 -21.43
C SER B 133 -3.07 -12.62 -22.40
N GLN B 134 -3.20 -13.68 -23.18
CA GLN B 134 -2.14 -13.99 -24.13
C GLN B 134 -2.28 -13.29 -25.48
N THR B 135 -3.38 -12.63 -25.81
CA THR B 135 -3.51 -12.10 -27.13
C THR B 135 -3.80 -10.63 -27.19
N LEU B 136 -4.34 -9.97 -26.15
CA LEU B 136 -4.70 -8.56 -26.31
C LEU B 136 -3.46 -7.69 -26.39
N THR B 137 -3.63 -6.45 -26.81
CA THR B 137 -2.51 -5.56 -26.88
C THR B 137 -2.28 -5.13 -25.46
N LYS B 138 -1.01 -4.95 -25.11
CA LYS B 138 -0.61 -4.49 -23.79
C LYS B 138 -1.47 -3.36 -23.27
N GLN B 139 -1.70 -2.38 -24.12
CA GLN B 139 -2.51 -1.25 -23.76
C GLN B 139 -3.92 -1.70 -23.36
N ALA B 140 -4.47 -2.72 -24.00
CA ALA B 140 -5.80 -3.22 -23.64
C ALA B 140 -5.72 -4.03 -22.38
N TRP B 141 -4.85 -5.05 -22.26
CA TRP B 141 -4.67 -5.83 -21.05
C TRP B 141 -4.43 -4.95 -19.82
N ALA B 142 -3.52 -3.98 -19.85
CA ALA B 142 -3.37 -3.09 -18.71
C ALA B 142 -4.70 -2.40 -18.47
N PHE B 143 -5.47 -1.89 -19.46
CA PHE B 143 -6.69 -1.20 -19.11
C PHE B 143 -7.76 -2.13 -18.55
N TYR B 144 -7.88 -3.34 -19.10
CA TYR B 144 -8.93 -4.24 -18.68
C TYR B 144 -8.59 -4.92 -17.39
N SER B 145 -7.41 -5.50 -17.26
CA SER B 145 -7.12 -6.23 -16.07
C SER B 145 -6.57 -5.51 -14.83
N SER B 146 -6.49 -4.15 -14.79
CA SER B 146 -5.87 -3.38 -13.73
C SER B 146 -6.55 -3.39 -12.39
N GLY B 147 -6.15 -2.52 -11.46
CA GLY B 147 -6.77 -2.37 -10.15
C GLY B 147 -6.21 -1.08 -9.50
N ALA B 148 -6.73 -0.56 -8.41
CA ALA B 148 -6.13 0.63 -7.85
C ALA B 148 -4.96 0.08 -7.09
N ASN B 149 -3.80 0.49 -7.52
CA ASN B 149 -2.51 0.25 -6.91
C ASN B 149 -2.38 -0.78 -5.88
N ASP B 150 -1.70 -1.87 -6.19
CA ASP B 150 -1.56 -3.01 -5.25
C ASP B 150 -2.68 -3.99 -5.35
N GLU B 151 -3.85 -3.53 -5.80
CA GLU B 151 -4.92 -4.42 -6.19
C GLU B 151 -5.21 -5.38 -5.05
N VAL B 152 -5.18 -4.88 -3.78
CA VAL B 152 -5.52 -5.88 -2.83
C VAL B 152 -7.03 -5.88 -2.85
N THR B 153 -7.90 -4.85 -2.93
CA THR B 153 -9.36 -5.07 -2.92
C THR B 153 -9.72 -5.85 -4.17
N HIS B 154 -9.17 -5.51 -5.34
CA HIS B 154 -9.38 -6.31 -6.54
C HIS B 154 -9.13 -7.76 -6.22
N ARG B 155 -8.07 -8.33 -5.60
CA ARG B 155 -8.06 -9.78 -5.41
C ARG B 155 -8.97 -10.15 -4.27
N GLU B 156 -9.06 -9.34 -3.24
CA GLU B 156 -9.88 -9.61 -2.09
C GLU B 156 -11.34 -9.78 -2.43
N ASN B 157 -11.79 -9.10 -3.47
CA ASN B 157 -13.18 -9.06 -3.93
C ASN B 157 -13.60 -10.45 -4.20
N HIS B 158 -12.75 -11.15 -4.93
CA HIS B 158 -13.01 -12.51 -5.28
C HIS B 158 -12.84 -13.45 -4.10
N ASN B 159 -11.68 -13.36 -3.46
CA ASN B 159 -11.36 -14.27 -2.40
C ASN B 159 -12.32 -14.21 -1.22
N ALA B 160 -13.06 -13.15 -0.90
CA ALA B 160 -13.96 -13.20 0.24
C ALA B 160 -15.07 -14.21 0.00
N TYR B 161 -15.25 -14.60 -1.26
CA TYR B 161 -16.21 -15.62 -1.55
C TYR B 161 -15.75 -16.92 -0.90
N HIS B 162 -14.45 -17.10 -0.74
CA HIS B 162 -13.89 -18.33 -0.24
C HIS B 162 -13.91 -18.50 1.24
N ARG B 163 -14.44 -17.48 1.88
CA ARG B 163 -14.66 -17.47 3.31
C ARG B 163 -16.09 -18.06 3.55
N ILE B 164 -16.93 -18.29 2.54
CA ILE B 164 -18.29 -18.67 2.82
C ILE B 164 -18.46 -20.06 2.31
N PHE B 165 -19.00 -20.95 3.12
CA PHE B 165 -19.14 -22.35 2.80
C PHE B 165 -20.63 -22.64 2.81
N PHE B 166 -21.01 -23.67 2.07
CA PHE B 166 -22.40 -24.01 1.88
C PHE B 166 -23.00 -24.95 2.93
N LYS B 167 -24.29 -25.14 3.04
CA LYS B 167 -24.89 -26.08 3.96
C LYS B 167 -25.95 -26.82 3.19
N PRO B 168 -25.61 -27.70 2.27
CA PRO B 168 -26.52 -28.32 1.31
C PRO B 168 -27.59 -29.15 1.94
N LYS B 169 -28.76 -29.27 1.31
CA LYS B 169 -29.86 -30.14 1.76
C LYS B 169 -29.85 -31.30 0.82
N ILE B 170 -29.97 -32.50 1.38
CA ILE B 170 -30.07 -33.67 0.52
C ILE B 170 -31.47 -34.28 0.54
N LEU B 171 -31.73 -35.17 -0.44
CA LEU B 171 -33.03 -35.79 -0.53
C LEU B 171 -34.11 -34.71 -0.63
N VAL B 172 -33.93 -33.79 -1.59
CA VAL B 172 -34.86 -32.71 -1.90
C VAL B 172 -35.06 -32.93 -3.38
N ASP B 173 -36.30 -32.99 -3.89
CA ASP B 173 -36.48 -33.28 -5.32
C ASP B 173 -35.93 -32.15 -6.14
N VAL B 174 -34.95 -32.41 -6.98
CA VAL B 174 -34.38 -31.32 -7.76
C VAL B 174 -34.31 -31.59 -9.23
N ARG B 175 -35.27 -32.29 -9.83
CA ARG B 175 -35.28 -32.54 -11.26
C ARG B 175 -35.40 -31.21 -11.97
N LYS B 176 -36.08 -30.25 -11.38
CA LYS B 176 -36.47 -29.08 -12.09
C LYS B 176 -36.11 -27.98 -11.15
N VAL B 177 -35.23 -27.08 -11.63
CA VAL B 177 -34.72 -25.93 -10.89
C VAL B 177 -34.95 -24.69 -11.77
N ASP B 178 -35.14 -23.48 -11.24
CA ASP B 178 -35.52 -22.31 -12.02
C ASP B 178 -34.74 -21.14 -11.48
N ILE B 179 -33.91 -20.57 -12.37
CA ILE B 179 -33.05 -19.46 -11.98
C ILE B 179 -33.44 -18.07 -12.57
N SER B 180 -34.72 -17.84 -12.89
CA SER B 180 -35.08 -16.55 -13.45
C SER B 180 -35.34 -15.65 -12.26
N THR B 181 -35.25 -14.36 -12.33
CA THR B 181 -35.50 -13.55 -11.16
C THR B 181 -36.01 -12.28 -11.82
N ASP B 182 -36.34 -11.39 -10.91
CA ASP B 182 -36.96 -10.15 -11.26
C ASP B 182 -36.02 -9.03 -10.86
N MET B 183 -35.25 -8.41 -11.74
CA MET B 183 -34.45 -7.29 -11.27
C MET B 183 -34.98 -5.98 -11.82
N LEU B 184 -35.43 -5.08 -10.94
CA LEU B 184 -35.78 -3.69 -11.32
C LEU B 184 -36.99 -3.64 -12.27
N GLY B 185 -38.08 -4.25 -11.79
CA GLY B 185 -39.32 -4.29 -12.53
C GLY B 185 -39.38 -5.39 -13.56
N SER B 186 -38.42 -5.46 -14.47
CA SER B 186 -38.36 -6.46 -15.50
C SER B 186 -38.10 -7.89 -15.05
N HIS B 187 -38.42 -8.95 -15.80
CA HIS B 187 -38.18 -10.29 -15.31
C HIS B 187 -37.19 -10.97 -16.23
N VAL B 188 -35.98 -11.17 -15.70
CA VAL B 188 -34.83 -11.69 -16.46
C VAL B 188 -34.64 -13.20 -16.28
N ASP B 189 -33.98 -13.71 -17.31
CA ASP B 189 -33.74 -15.11 -17.45
C ASP B 189 -32.93 -15.77 -16.40
N VAL B 190 -31.84 -15.11 -16.00
CA VAL B 190 -30.82 -15.61 -15.04
C VAL B 190 -30.58 -14.58 -13.93
N PRO B 191 -29.98 -14.80 -12.74
CA PRO B 191 -29.80 -13.79 -11.70
C PRO B 191 -28.57 -12.89 -11.83
N PHE B 192 -27.91 -12.75 -12.98
CA PHE B 192 -26.68 -12.01 -13.11
C PHE B 192 -26.66 -11.12 -14.34
N TYR B 193 -25.79 -10.09 -14.48
CA TYR B 193 -25.77 -9.23 -15.67
C TYR B 193 -24.42 -8.91 -16.23
N VAL B 194 -24.35 -8.24 -17.36
CA VAL B 194 -23.09 -7.75 -17.82
C VAL B 194 -23.02 -6.34 -17.24
N SER B 195 -21.90 -5.97 -16.68
CA SER B 195 -21.75 -4.73 -15.99
C SER B 195 -21.07 -3.88 -17.01
N ALA B 196 -21.03 -2.57 -16.75
CA ALA B 196 -20.48 -1.61 -17.68
C ALA B 196 -18.96 -1.59 -17.83
N THR B 197 -18.41 -1.96 -18.94
CA THR B 197 -16.98 -1.97 -19.07
C THR B 197 -16.59 -0.90 -20.10
N ALA B 198 -16.02 0.22 -19.67
CA ALA B 198 -15.53 1.27 -20.59
C ALA B 198 -14.73 0.78 -21.81
N LEU B 199 -14.94 1.44 -22.94
CA LEU B 199 -14.23 1.18 -24.18
C LEU B 199 -14.00 -0.28 -24.62
N CYS B 200 -15.06 -1.13 -24.66
CA CYS B 200 -14.96 -2.48 -25.24
C CYS B 200 -14.26 -2.61 -26.60
N LYS B 201 -14.07 -1.52 -27.37
CA LYS B 201 -13.40 -1.63 -28.64
C LYS B 201 -11.90 -1.84 -28.51
N LEU B 202 -11.34 -1.76 -27.29
CA LEU B 202 -9.93 -2.06 -27.15
C LEU B 202 -9.65 -3.54 -27.39
N GLY B 203 -10.49 -4.43 -26.90
CA GLY B 203 -10.29 -5.84 -27.14
C GLY B 203 -11.00 -6.22 -28.43
N ASN B 204 -12.22 -5.68 -28.61
CA ASN B 204 -13.01 -5.98 -29.80
C ASN B 204 -13.07 -4.75 -30.68
N PRO B 205 -12.05 -4.48 -31.49
CA PRO B 205 -11.94 -3.29 -32.31
C PRO B 205 -13.18 -3.12 -33.22
N LEU B 206 -13.46 -4.19 -34.00
CA LEU B 206 -14.58 -4.22 -34.93
C LEU B 206 -15.97 -3.92 -34.37
N GLU B 207 -16.41 -4.58 -33.31
CA GLU B 207 -17.79 -4.40 -32.91
C GLU B 207 -18.04 -3.80 -31.56
N GLY B 208 -16.98 -3.69 -30.73
CA GLY B 208 -17.09 -3.11 -29.40
C GLY B 208 -18.29 -3.63 -28.60
N GLU B 209 -19.05 -2.73 -28.02
CA GLU B 209 -20.10 -3.20 -27.17
C GLU B 209 -21.36 -3.62 -27.90
N LYS B 210 -21.35 -3.61 -29.23
CA LYS B 210 -22.51 -4.04 -30.00
C LYS B 210 -22.53 -5.56 -29.93
N ASP B 211 -21.31 -6.14 -30.04
CA ASP B 211 -21.10 -7.57 -29.91
C ASP B 211 -21.50 -8.09 -28.53
N VAL B 212 -21.31 -7.35 -27.42
CA VAL B 212 -21.79 -7.84 -26.14
C VAL B 212 -23.30 -7.83 -26.34
N ALA B 213 -24.00 -6.77 -26.83
CA ALA B 213 -25.46 -6.81 -27.02
C ALA B 213 -25.99 -8.04 -27.75
N ARG B 214 -25.32 -8.33 -28.83
CA ARG B 214 -25.67 -9.49 -29.61
C ARG B 214 -25.43 -10.77 -28.77
N GLY B 215 -24.34 -10.92 -28.00
CA GLY B 215 -24.13 -12.10 -27.18
C GLY B 215 -25.19 -12.18 -26.08
N CYS B 216 -25.65 -11.09 -25.46
CA CYS B 216 -26.65 -11.15 -24.42
C CYS B 216 -28.05 -11.50 -24.88
N GLY B 217 -28.31 -11.49 -26.18
CA GLY B 217 -29.61 -11.88 -26.66
C GLY B 217 -29.54 -12.83 -27.86
N GLN B 218 -28.43 -13.35 -28.33
CA GLN B 218 -28.52 -14.21 -29.50
C GLN B 218 -28.94 -15.65 -29.25
N GLY B 219 -28.55 -16.10 -28.08
CA GLY B 219 -28.85 -17.44 -27.70
C GLY B 219 -30.19 -17.39 -27.02
N VAL B 220 -30.36 -18.43 -26.22
CA VAL B 220 -31.59 -18.67 -25.50
C VAL B 220 -31.80 -17.70 -24.36
N THR B 221 -30.72 -17.49 -23.58
CA THR B 221 -30.84 -16.67 -22.39
C THR B 221 -30.51 -15.23 -22.68
N LYS B 222 -31.37 -14.39 -22.12
CA LYS B 222 -31.31 -12.97 -22.26
C LYS B 222 -30.82 -12.53 -20.91
N VAL B 223 -29.66 -11.91 -20.95
CA VAL B 223 -28.93 -11.40 -19.79
C VAL B 223 -28.92 -9.89 -19.96
N PRO B 224 -29.31 -9.11 -18.95
CA PRO B 224 -29.14 -7.65 -18.95
C PRO B 224 -27.77 -7.12 -19.33
N GLN B 225 -27.71 -5.93 -19.95
CA GLN B 225 -26.49 -5.28 -20.38
C GLN B 225 -26.54 -3.89 -19.77
N MET B 226 -25.43 -3.42 -19.19
CA MET B 226 -25.33 -2.12 -18.60
C MET B 226 -24.36 -1.47 -19.56
N ILE B 227 -24.74 -0.27 -20.02
CA ILE B 227 -23.97 0.43 -21.04
C ILE B 227 -23.20 1.49 -20.30
N SER B 228 -21.93 1.59 -20.66
CA SER B 228 -21.08 2.59 -20.04
C SER B 228 -21.30 3.93 -20.71
N THR B 229 -21.42 5.01 -19.92
CA THR B 229 -21.44 6.37 -20.42
C THR B 229 -20.18 6.59 -21.28
N LEU B 230 -19.07 5.89 -21.01
CA LEU B 230 -17.87 6.07 -21.80
C LEU B 230 -17.64 4.84 -22.66
N ALA B 231 -18.74 4.39 -23.27
CA ALA B 231 -18.72 3.21 -24.15
C ALA B 231 -18.01 3.56 -25.43
N SER B 232 -17.25 2.73 -26.13
CA SER B 232 -16.73 3.23 -27.39
C SER B 232 -17.69 2.92 -28.55
N CYS B 233 -19.01 3.13 -28.40
CA CYS B 233 -20.09 2.94 -29.40
C CYS B 233 -21.23 3.78 -28.82
N SER B 234 -22.09 4.38 -29.63
CA SER B 234 -23.08 5.31 -29.12
C SER B 234 -24.25 4.55 -28.51
N PRO B 235 -25.06 5.06 -27.60
CA PRO B 235 -26.12 4.28 -26.93
C PRO B 235 -27.07 3.72 -27.95
N GLU B 236 -27.23 4.59 -28.96
CA GLU B 236 -28.03 4.37 -30.15
C GLU B 236 -27.54 3.11 -30.86
N GLU B 237 -26.29 3.07 -31.37
CA GLU B 237 -25.66 1.91 -31.99
C GLU B 237 -25.97 0.57 -31.32
N ILE B 238 -25.64 0.56 -30.02
CA ILE B 238 -25.73 -0.58 -29.09
C ILE B 238 -27.18 -1.03 -28.88
N ILE B 239 -28.07 -0.17 -28.40
CA ILE B 239 -29.46 -0.54 -28.17
C ILE B 239 -30.04 -1.13 -29.43
N GLU B 240 -29.72 -0.45 -30.52
CA GLU B 240 -30.16 -0.83 -31.83
C GLU B 240 -29.58 -2.17 -32.24
N ALA B 241 -28.42 -2.60 -31.72
CA ALA B 241 -27.83 -3.89 -32.06
C ALA B 241 -28.46 -5.08 -31.34
N ALA B 242 -29.14 -4.81 -30.22
CA ALA B 242 -29.73 -5.85 -29.41
C ALA B 242 -30.57 -6.80 -30.23
N PRO B 243 -30.32 -8.11 -30.30
CA PRO B 243 -31.22 -9.06 -30.89
C PRO B 243 -32.62 -9.31 -30.39
N SER B 244 -33.23 -8.85 -29.28
CA SER B 244 -34.58 -9.31 -28.91
C SER B 244 -35.41 -8.19 -28.30
N ASP B 245 -36.74 -8.21 -28.41
CA ASP B 245 -37.57 -7.24 -27.71
C ASP B 245 -37.40 -7.56 -26.23
N LYS B 246 -37.18 -8.86 -26.00
CA LYS B 246 -36.97 -9.40 -24.65
C LYS B 246 -35.64 -9.18 -23.93
N GLN B 247 -34.53 -8.74 -24.56
CA GLN B 247 -33.35 -8.54 -23.74
C GLN B 247 -33.49 -7.15 -23.12
N ILE B 248 -33.13 -6.94 -21.84
CA ILE B 248 -33.34 -5.66 -21.18
C ILE B 248 -31.98 -5.01 -21.11
N GLN B 249 -31.91 -3.68 -21.21
CA GLN B 249 -30.66 -2.91 -21.28
C GLN B 249 -30.80 -1.78 -20.27
N TRP B 250 -29.73 -1.44 -19.55
CA TRP B 250 -29.75 -0.41 -18.54
C TRP B 250 -28.60 0.52 -18.93
N TYR B 251 -28.61 1.74 -18.37
CA TYR B 251 -27.59 2.71 -18.69
C TYR B 251 -26.89 3.05 -17.39
N GLN B 252 -25.54 3.04 -17.38
CA GLN B 252 -24.87 3.63 -16.24
C GLN B 252 -24.39 4.93 -16.85
N LEU B 253 -24.53 5.90 -15.95
CA LEU B 253 -24.38 7.33 -16.12
C LEU B 253 -23.32 7.92 -15.16
N TYR B 254 -22.30 8.65 -15.61
CA TYR B 254 -21.51 9.44 -14.65
C TYR B 254 -22.24 10.77 -14.64
N VAL B 255 -22.53 11.65 -13.65
CA VAL B 255 -23.16 12.88 -14.07
C VAL B 255 -22.04 13.84 -14.40
N ASN B 256 -22.13 14.52 -15.56
CA ASN B 256 -21.12 15.47 -16.03
C ASN B 256 -21.21 16.72 -15.23
N SER B 257 -20.10 17.42 -15.15
CA SER B 257 -20.06 18.71 -14.48
C SER B 257 -20.92 19.67 -15.31
N ASP B 258 -20.94 19.57 -16.66
CA ASP B 258 -21.89 20.38 -17.40
C ASP B 258 -23.19 19.59 -17.37
N ARG B 259 -23.90 19.76 -16.27
CA ARG B 259 -25.13 19.03 -16.00
C ARG B 259 -26.17 18.93 -17.11
N LYS B 260 -26.28 19.96 -17.95
CA LYS B 260 -27.21 19.90 -19.05
C LYS B 260 -26.78 18.76 -20.00
N ILE B 261 -25.48 18.44 -20.17
CA ILE B 261 -25.03 17.31 -20.99
C ILE B 261 -25.67 16.03 -20.48
N THR B 262 -25.62 15.91 -19.16
CA THR B 262 -26.26 14.83 -18.48
C THR B 262 -27.74 14.95 -18.75
N ASP B 263 -28.41 16.07 -18.52
CA ASP B 263 -29.85 16.12 -18.71
C ASP B 263 -30.32 15.80 -20.13
N ASP B 264 -29.44 16.10 -21.10
CA ASP B 264 -29.70 15.73 -22.46
C ASP B 264 -29.57 14.24 -22.45
N LEU B 265 -28.40 13.71 -22.09
CA LEU B 265 -28.12 12.27 -22.14
C LEU B 265 -29.17 11.40 -21.47
N VAL B 266 -29.69 11.79 -20.30
CA VAL B 266 -30.71 11.02 -19.64
C VAL B 266 -31.92 11.01 -20.55
N LYS B 267 -32.48 12.17 -20.83
CA LYS B 267 -33.70 12.24 -21.63
C LYS B 267 -33.59 11.57 -22.99
N ASN B 268 -32.41 11.46 -23.58
CA ASN B 268 -32.28 10.74 -24.83
C ASN B 268 -32.16 9.24 -24.62
N VAL B 269 -31.56 8.73 -23.53
CA VAL B 269 -31.44 7.28 -23.37
C VAL B 269 -32.82 6.78 -23.04
N GLU B 270 -33.56 7.53 -22.21
CA GLU B 270 -34.93 7.18 -21.88
C GLU B 270 -35.76 7.01 -23.16
N LYS B 271 -35.56 7.90 -24.14
CA LYS B 271 -36.16 7.82 -25.48
C LYS B 271 -35.76 6.46 -26.04
N LEU B 272 -34.47 6.12 -26.03
CA LEU B 272 -34.03 4.86 -26.57
C LEU B 272 -34.48 3.59 -25.80
N GLY B 273 -35.41 3.76 -24.83
CA GLY B 273 -36.06 2.66 -24.15
C GLY B 273 -35.24 1.87 -23.14
N VAL B 274 -34.04 2.36 -22.72
CA VAL B 274 -33.27 1.70 -21.66
C VAL B 274 -34.15 1.57 -20.43
N LYS B 275 -33.95 0.52 -19.65
CA LYS B 275 -34.91 0.21 -18.64
C LYS B 275 -34.66 0.71 -17.24
N ALA B 276 -33.48 1.34 -17.02
CA ALA B 276 -33.09 1.91 -15.73
C ALA B 276 -31.75 2.65 -15.84
N LEU B 277 -31.45 3.41 -14.80
CA LEU B 277 -30.24 4.23 -14.74
C LEU B 277 -29.42 3.89 -13.52
N PHE B 278 -28.14 3.67 -13.79
CA PHE B 278 -27.20 3.39 -12.76
C PHE B 278 -26.24 4.57 -12.70
N VAL B 279 -26.22 5.31 -11.63
CA VAL B 279 -25.39 6.52 -11.54
C VAL B 279 -24.12 6.03 -10.84
N THR B 280 -22.97 5.88 -11.49
CA THR B 280 -21.78 5.35 -10.85
C THR B 280 -21.26 6.42 -9.94
N VAL B 281 -21.04 6.21 -8.65
CA VAL B 281 -20.63 7.27 -7.74
C VAL B 281 -19.39 7.04 -6.91
N ASP B 282 -18.63 6.05 -7.31
CA ASP B 282 -17.45 5.61 -6.59
C ASP B 282 -16.14 6.08 -7.25
N ALA B 283 -16.35 6.99 -8.21
CA ALA B 283 -15.26 7.44 -9.00
C ALA B 283 -15.26 8.95 -9.21
N PRO B 284 -15.35 9.84 -8.20
CA PRO B 284 -15.07 11.24 -8.34
C PRO B 284 -13.69 11.52 -8.88
N SER B 285 -12.78 10.49 -8.79
CA SER B 285 -11.42 10.53 -9.35
C SER B 285 -10.88 9.17 -9.76
N LEU B 286 -10.43 9.04 -11.00
CA LEU B 286 -9.79 7.88 -11.54
C LEU B 286 -8.72 7.36 -10.56
N GLY B 287 -8.96 6.21 -9.91
CA GLY B 287 -7.91 5.46 -9.20
C GLY B 287 -6.66 5.25 -10.07
N GLN B 288 -5.49 5.16 -9.42
CA GLN B 288 -4.22 5.01 -10.05
C GLN B 288 -4.08 3.56 -10.45
N ARG B 289 -4.23 3.25 -11.71
CA ARG B 289 -4.05 1.88 -12.13
C ARG B 289 -2.68 1.82 -12.74
N GLU B 290 -1.74 1.62 -11.88
CA GLU B 290 -0.35 1.72 -12.25
C GLU B 290 0.04 0.83 -13.41
N LYS B 291 -0.74 -0.18 -13.76
CA LYS B 291 -0.37 -1.07 -14.84
C LYS B 291 -0.35 -0.33 -16.15
N ASP B 292 -1.37 0.53 -16.31
CA ASP B 292 -1.53 1.38 -17.46
C ASP B 292 -0.44 2.43 -17.46
N MET B 293 -0.43 3.24 -16.39
CA MET B 293 0.54 4.28 -16.12
C MET B 293 1.84 3.68 -16.54
N LYS B 294 2.36 2.62 -15.95
CA LYS B 294 3.63 2.01 -16.33
C LYS B 294 3.95 1.84 -17.80
N LEU B 295 2.93 1.76 -18.62
CA LEU B 295 3.22 1.55 -20.02
C LEU B 295 3.05 2.85 -20.76
N LYS B 296 2.03 3.63 -20.37
CA LYS B 296 1.69 4.91 -20.97
C LYS B 296 2.88 5.83 -21.29
N GLN B 316 -1.60 19.54 -13.74
CA GLN B 316 -2.26 18.45 -13.05
C GLN B 316 -1.17 17.84 -12.14
N GLY B 317 -1.56 17.57 -10.87
CA GLY B 317 -0.79 16.90 -9.82
C GLY B 317 -1.74 15.80 -9.36
N ALA B 318 -2.16 15.66 -8.07
CA ALA B 318 -3.22 14.68 -7.72
C ALA B 318 -4.50 15.41 -8.08
N SER B 319 -4.69 15.41 -9.40
CA SER B 319 -5.74 16.09 -10.09
C SER B 319 -5.72 15.63 -11.51
N ARG B 320 -4.69 14.90 -11.98
CA ARG B 320 -4.78 14.22 -13.28
C ARG B 320 -5.93 13.20 -13.17
N ALA B 321 -6.08 12.69 -11.92
CA ALA B 321 -7.12 11.75 -11.58
C ALA B 321 -8.51 12.36 -11.54
N LEU B 322 -8.61 13.69 -11.52
CA LEU B 322 -9.90 14.35 -11.59
C LEU B 322 -10.21 14.55 -13.09
N SER B 323 -11.49 14.62 -13.42
CA SER B 323 -11.92 14.63 -14.80
C SER B 323 -13.11 15.58 -14.96
N LYS B 324 -13.43 15.91 -16.20
CA LYS B 324 -14.57 16.79 -16.44
C LYS B 324 -15.84 15.99 -16.64
N PHE B 325 -15.68 14.78 -17.20
CA PHE B 325 -16.80 13.90 -17.44
C PHE B 325 -17.44 13.56 -16.10
N ILE B 326 -16.63 13.10 -15.16
CA ILE B 326 -17.21 12.65 -13.92
C ILE B 326 -17.18 13.89 -13.05
N ASP B 327 -18.23 14.26 -12.37
CA ASP B 327 -18.19 15.48 -11.62
C ASP B 327 -17.91 15.15 -10.17
N PRO B 328 -16.85 15.70 -9.55
CA PRO B 328 -16.49 15.58 -8.15
C PRO B 328 -17.46 16.16 -7.20
N SER B 329 -18.42 16.94 -7.69
CA SER B 329 -19.37 17.58 -6.81
C SER B 329 -20.58 16.83 -6.40
N LEU B 330 -20.77 15.64 -7.01
CA LEU B 330 -21.98 14.89 -6.78
C LEU B 330 -22.25 14.63 -5.35
N THR B 331 -23.51 14.66 -5.07
CA THR B 331 -23.98 14.70 -3.71
C THR B 331 -25.38 14.09 -3.66
N TRP B 332 -25.86 13.55 -2.55
CA TRP B 332 -27.20 13.03 -2.50
C TRP B 332 -28.27 13.96 -3.09
N LYS B 333 -28.20 15.30 -2.85
CA LYS B 333 -29.15 16.26 -3.45
C LYS B 333 -29.20 16.14 -4.96
N ASP B 334 -28.07 15.99 -5.64
CA ASP B 334 -28.13 15.78 -7.05
C ASP B 334 -28.90 14.54 -7.43
N ILE B 335 -28.86 13.49 -6.61
CA ILE B 335 -29.55 12.28 -6.96
C ILE B 335 -31.00 12.66 -6.75
N GLU B 336 -31.40 13.20 -5.58
CA GLU B 336 -32.78 13.64 -5.31
C GLU B 336 -33.35 14.40 -6.52
N GLU B 337 -32.69 15.46 -6.99
CA GLU B 337 -33.12 16.16 -8.17
C GLU B 337 -33.21 15.21 -9.35
N LEU B 338 -32.25 14.31 -9.64
CA LEU B 338 -32.28 13.44 -10.81
C LEU B 338 -33.44 12.48 -10.77
N LYS B 339 -33.93 12.18 -9.56
CA LYS B 339 -35.15 11.39 -9.40
C LYS B 339 -36.24 12.17 -10.08
N LYS B 340 -36.43 13.40 -9.59
CA LYS B 340 -37.49 14.30 -10.06
C LYS B 340 -37.31 14.71 -11.50
N LYS B 341 -36.48 14.13 -12.37
CA LYS B 341 -36.25 14.63 -13.70
C LYS B 341 -36.26 13.44 -14.65
N THR B 342 -36.57 12.23 -14.15
CA THR B 342 -36.65 11.03 -14.99
C THR B 342 -37.64 10.05 -14.39
N LYS B 343 -38.00 9.13 -15.28
CA LYS B 343 -39.02 8.13 -14.99
C LYS B 343 -38.37 6.78 -14.81
N LEU B 344 -37.19 6.57 -15.42
CA LEU B 344 -36.51 5.32 -15.24
C LEU B 344 -36.17 5.06 -13.74
N PRO B 345 -36.02 3.80 -13.25
CA PRO B 345 -35.69 3.50 -11.86
C PRO B 345 -34.19 3.75 -11.74
N ILE B 346 -33.76 4.34 -10.63
CA ILE B 346 -32.35 4.77 -10.51
C ILE B 346 -31.74 3.88 -9.48
N VAL B 347 -30.50 3.50 -9.75
CA VAL B 347 -29.70 2.62 -8.89
C VAL B 347 -28.37 3.33 -8.74
N ILE B 348 -28.00 3.74 -7.53
CA ILE B 348 -26.67 4.27 -7.18
C ILE B 348 -25.62 3.14 -7.30
N LYS B 349 -24.58 3.26 -8.10
CA LYS B 349 -23.65 2.16 -8.24
C LYS B 349 -22.35 2.56 -7.57
N GLY B 350 -21.89 1.83 -6.56
CA GLY B 350 -20.62 2.12 -5.91
C GLY B 350 -20.83 2.24 -4.42
N VAL B 351 -21.93 1.79 -3.78
CA VAL B 351 -22.02 1.94 -2.33
C VAL B 351 -21.02 1.01 -1.68
N GLN B 352 -20.42 1.45 -0.56
CA GLN B 352 -19.36 0.73 0.10
C GLN B 352 -19.55 0.78 1.61
N ARG B 353 -20.65 1.19 2.19
CA ARG B 353 -20.82 0.99 3.64
C ARG B 353 -22.31 0.89 3.93
N THR B 354 -22.80 0.29 5.02
CA THR B 354 -24.24 0.22 5.22
C THR B 354 -24.89 1.57 5.24
N GLU B 355 -24.23 2.59 5.81
CA GLU B 355 -24.84 3.87 5.90
C GLU B 355 -25.26 4.39 4.56
N ASP B 356 -24.55 4.13 3.51
CA ASP B 356 -24.99 4.69 2.27
C ASP B 356 -26.09 3.85 1.66
N VAL B 357 -26.22 2.58 2.02
CA VAL B 357 -27.37 1.79 1.59
C VAL B 357 -28.63 2.41 2.21
N ILE B 358 -28.58 2.66 3.52
CA ILE B 358 -29.68 3.23 4.23
C ILE B 358 -29.98 4.64 3.79
N LYS B 359 -29.01 5.40 3.26
CA LYS B 359 -29.33 6.72 2.76
C LYS B 359 -29.97 6.50 1.40
N ALA B 360 -29.47 5.65 0.51
CA ALA B 360 -30.09 5.45 -0.80
C ALA B 360 -31.55 5.02 -0.61
N ALA B 361 -31.81 4.33 0.50
CA ALA B 361 -33.15 4.03 0.90
C ALA B 361 -33.84 5.33 1.27
N GLU B 362 -33.44 6.11 2.28
CA GLU B 362 -34.14 7.35 2.61
C GLU B 362 -34.26 8.29 1.41
N ILE B 363 -33.37 8.53 0.45
CA ILE B 363 -33.76 9.40 -0.65
C ILE B 363 -34.60 8.67 -1.72
N GLY B 364 -35.21 7.51 -1.45
CA GLY B 364 -36.05 6.77 -2.38
C GLY B 364 -35.44 6.33 -3.72
N VAL B 365 -34.28 5.70 -3.88
CA VAL B 365 -33.89 5.18 -5.20
C VAL B 365 -34.31 3.71 -5.36
N SER B 366 -34.23 3.13 -6.56
CA SER B 366 -34.61 1.74 -6.76
C SER B 366 -33.58 0.79 -6.14
N GLY B 367 -32.36 0.81 -6.65
CA GLY B 367 -31.36 -0.06 -6.09
C GLY B 367 -30.12 0.67 -5.63
N VAL B 368 -29.16 -0.16 -5.23
CA VAL B 368 -27.82 0.23 -4.83
C VAL B 368 -27.00 -0.89 -5.37
N VAL B 369 -25.93 -0.70 -6.12
CA VAL B 369 -25.03 -1.81 -6.49
C VAL B 369 -23.90 -1.71 -5.48
N LEU B 370 -23.80 -2.68 -4.57
CA LEU B 370 -22.76 -2.70 -3.57
C LEU B 370 -21.53 -2.97 -4.41
N SER B 371 -20.71 -1.92 -4.50
CA SER B 371 -19.57 -2.00 -5.32
C SER B 371 -18.49 -1.03 -4.99
N ASN B 372 -17.32 -1.45 -5.49
CA ASN B 372 -16.18 -0.60 -5.43
C ASN B 372 -15.43 -0.52 -6.79
N HIS B 373 -16.12 -0.56 -7.95
CA HIS B 373 -15.46 -0.55 -9.24
C HIS B 373 -14.52 -1.66 -9.65
N GLY B 374 -14.45 -2.87 -9.05
CA GLY B 374 -13.53 -3.91 -9.55
C GLY B 374 -12.17 -3.78 -8.96
N GLY B 375 -12.17 -3.20 -7.77
CA GLY B 375 -10.97 -2.93 -7.01
C GLY B 375 -9.95 -2.06 -7.74
N ARG B 376 -10.54 -1.02 -8.38
CA ARG B 376 -9.79 -0.05 -9.15
C ARG B 376 -10.18 1.36 -8.78
N GLN B 377 -10.61 1.57 -7.56
CA GLN B 377 -10.91 2.91 -7.11
C GLN B 377 -10.21 2.98 -5.75
N LEU B 378 -10.75 2.92 -4.50
CA LEU B 378 -9.94 2.94 -3.28
C LEU B 378 -9.26 1.57 -3.12
N ASP B 379 -7.97 1.49 -2.78
CA ASP B 379 -7.48 0.15 -2.60
C ASP B 379 -7.63 -0.46 -1.24
N PHE B 380 -7.95 -0.02 -0.02
CA PHE B 380 -8.30 -1.14 0.93
C PHE B 380 -9.78 -1.24 1.21
N SER B 381 -10.52 -1.29 0.12
CA SER B 381 -11.95 -1.23 0.17
C SER B 381 -12.46 -2.64 0.46
N ARG B 382 -13.50 -2.82 1.26
CA ARG B 382 -13.91 -4.17 1.62
C ARG B 382 -14.47 -4.91 0.43
N ALA B 383 -14.56 -6.23 0.60
CA ALA B 383 -15.19 -7.03 -0.42
C ALA B 383 -16.69 -6.77 -0.37
N PRO B 384 -17.39 -6.47 -1.50
CA PRO B 384 -18.84 -6.34 -1.57
C PRO B 384 -19.56 -7.45 -0.84
N ILE B 385 -19.19 -8.74 -0.98
CA ILE B 385 -19.90 -9.80 -0.25
C ILE B 385 -19.74 -9.65 1.24
N GLU B 386 -18.61 -9.16 1.70
CA GLU B 386 -18.45 -8.95 3.09
C GLU B 386 -19.36 -7.80 3.49
N VAL B 387 -19.58 -6.75 2.65
CA VAL B 387 -20.47 -5.64 3.05
C VAL B 387 -21.94 -6.08 2.98
N LEU B 388 -22.42 -6.82 1.96
CA LEU B 388 -23.76 -7.39 1.86
C LEU B 388 -24.12 -8.11 3.15
N ALA B 389 -23.28 -9.01 3.61
CA ALA B 389 -23.49 -9.82 4.76
C ALA B 389 -23.85 -9.08 5.97
N GLU B 390 -23.41 -7.85 5.99
CA GLU B 390 -23.61 -6.97 7.14
C GLU B 390 -24.75 -6.00 6.94
N THR B 391 -24.96 -5.53 5.70
CA THR B 391 -25.98 -4.52 5.42
C THR B 391 -27.32 -5.22 5.51
N MET B 392 -27.56 -6.33 4.81
CA MET B 392 -28.86 -7.00 4.83
C MET B 392 -29.54 -7.24 6.15
N PRO B 393 -28.95 -7.72 7.28
CA PRO B 393 -29.58 -7.75 8.59
C PRO B 393 -30.10 -6.36 8.91
N ILE B 394 -29.25 -5.33 8.81
CA ILE B 394 -29.68 -3.98 9.11
C ILE B 394 -30.93 -3.64 8.28
N LEU B 395 -31.04 -3.98 7.00
CA LEU B 395 -32.21 -3.60 6.26
C LEU B 395 -33.45 -4.26 6.82
N GLU B 396 -33.29 -5.50 7.31
CA GLU B 396 -34.39 -6.18 7.97
C GLU B 396 -34.67 -5.46 9.27
N GLN B 397 -33.72 -5.23 10.19
CA GLN B 397 -34.04 -4.57 11.43
C GLN B 397 -34.69 -3.22 11.17
N ARG B 398 -34.34 -2.45 10.14
CA ARG B 398 -34.93 -1.16 9.90
C ARG B 398 -36.10 -1.28 8.96
N ASN B 399 -36.67 -2.46 8.76
CA ASN B 399 -37.88 -2.65 7.97
C ASN B 399 -37.86 -2.09 6.55
N LEU B 400 -36.74 -1.57 6.05
CA LEU B 400 -36.74 -0.97 4.73
C LEU B 400 -36.19 -1.86 3.65
N LYS B 401 -35.84 -3.11 3.96
CA LYS B 401 -35.35 -4.04 2.95
C LYS B 401 -36.21 -4.19 1.73
N ASP B 402 -37.52 -4.42 1.83
CA ASP B 402 -38.36 -4.61 0.64
C ASP B 402 -38.44 -3.43 -0.34
N LYS B 403 -37.90 -2.30 0.11
CA LYS B 403 -37.83 -1.07 -0.63
C LYS B 403 -36.76 -1.08 -1.70
N LEU B 404 -35.61 -1.66 -1.36
CA LEU B 404 -34.38 -1.44 -2.08
C LEU B 404 -33.89 -2.60 -2.90
N GLU B 405 -33.41 -2.53 -4.12
CA GLU B 405 -32.81 -3.69 -4.73
C GLU B 405 -31.31 -3.65 -4.45
N VAL B 406 -30.60 -4.69 -3.95
CA VAL B 406 -29.18 -4.54 -3.70
C VAL B 406 -28.46 -5.46 -4.62
N PHE B 407 -27.70 -4.92 -5.52
CA PHE B 407 -26.93 -5.69 -6.44
C PHE B 407 -25.53 -5.80 -5.80
N VAL B 408 -24.57 -6.55 -6.33
CA VAL B 408 -23.25 -6.81 -5.77
C VAL B 408 -22.41 -7.09 -7.03
N ASP B 409 -21.14 -6.79 -7.08
CA ASP B 409 -20.29 -7.25 -8.19
C ASP B 409 -18.89 -7.22 -7.61
N GLY B 410 -17.95 -7.51 -8.49
CA GLY B 410 -16.59 -7.67 -8.02
C GLY B 410 -16.45 -9.12 -7.50
N GLY B 411 -15.46 -9.63 -8.24
CA GLY B 411 -14.85 -10.94 -8.17
C GLY B 411 -15.69 -12.14 -8.52
N VAL B 412 -16.91 -12.09 -9.08
CA VAL B 412 -17.71 -13.30 -9.24
C VAL B 412 -17.14 -13.97 -10.45
N ARG B 413 -16.71 -15.21 -10.38
CA ARG B 413 -16.12 -15.84 -11.56
C ARG B 413 -16.64 -17.24 -11.58
N ARG B 414 -17.56 -17.61 -10.69
CA ARG B 414 -17.95 -18.99 -10.64
C ARG B 414 -19.43 -19.04 -10.26
N GLY B 415 -20.21 -20.10 -10.54
CA GLY B 415 -21.61 -20.09 -10.26
C GLY B 415 -21.83 -20.00 -8.76
N THR B 416 -21.04 -20.72 -7.97
CA THR B 416 -21.18 -20.71 -6.51
C THR B 416 -20.95 -19.37 -5.89
N ASP B 417 -20.21 -18.43 -6.53
CA ASP B 417 -20.01 -17.12 -5.95
C ASP B 417 -21.36 -16.41 -6.08
N VAL B 418 -21.94 -16.48 -7.31
CA VAL B 418 -23.28 -15.94 -7.60
C VAL B 418 -24.27 -16.45 -6.53
N LEU B 419 -24.29 -17.76 -6.30
CA LEU B 419 -25.20 -18.21 -5.29
C LEU B 419 -24.93 -17.71 -3.86
N LYS B 420 -23.72 -17.42 -3.41
CA LYS B 420 -23.52 -16.97 -2.02
C LYS B 420 -24.15 -15.60 -1.96
N ALA B 421 -23.80 -14.80 -2.97
CA ALA B 421 -24.37 -13.50 -3.20
C ALA B 421 -25.92 -13.56 -3.12
N LEU B 422 -26.67 -14.40 -3.91
CA LEU B 422 -28.14 -14.52 -3.82
C LEU B 422 -28.56 -15.03 -2.44
N CYS B 423 -28.01 -16.07 -1.87
CA CYS B 423 -28.36 -16.49 -0.52
C CYS B 423 -28.29 -15.39 0.52
N LEU B 424 -27.46 -14.38 0.32
CA LEU B 424 -27.34 -13.39 1.34
C LEU B 424 -28.34 -12.24 1.21
N GLY B 425 -28.92 -12.10 0.02
CA GLY B 425 -29.96 -11.09 -0.22
C GLY B 425 -29.92 -10.36 -1.58
N ALA B 426 -28.79 -10.49 -2.24
CA ALA B 426 -28.56 -9.72 -3.43
C ALA B 426 -29.59 -10.16 -4.39
N LYS B 427 -30.10 -9.17 -5.10
CA LYS B 427 -31.17 -9.36 -6.06
C LYS B 427 -30.59 -9.84 -7.37
N GLY B 428 -29.30 -9.62 -7.61
CA GLY B 428 -28.71 -9.99 -8.90
C GLY B 428 -27.23 -9.64 -8.84
N VAL B 429 -26.35 -10.24 -9.62
CA VAL B 429 -24.98 -9.98 -9.37
C VAL B 429 -24.31 -9.59 -10.71
N GLY B 430 -23.32 -8.71 -10.78
CA GLY B 430 -22.79 -8.37 -12.06
C GLY B 430 -21.39 -8.81 -12.18
N LEU B 431 -20.94 -8.72 -13.39
CA LEU B 431 -19.65 -9.23 -13.73
C LEU B 431 -19.06 -8.27 -14.76
N GLY B 432 -17.83 -7.76 -14.60
CA GLY B 432 -17.27 -6.92 -15.60
C GLY B 432 -16.34 -7.78 -16.42
N ARG B 433 -15.07 -7.80 -16.06
CA ARG B 433 -14.01 -8.46 -16.78
C ARG B 433 -14.27 -9.79 -17.44
N PRO B 434 -14.92 -10.87 -16.90
CA PRO B 434 -15.10 -12.14 -17.60
C PRO B 434 -15.74 -11.89 -18.96
N PHE B 435 -16.87 -11.12 -18.97
CA PHE B 435 -17.59 -10.76 -20.18
C PHE B 435 -16.76 -9.93 -21.14
N LEU B 436 -15.96 -9.05 -20.59
CA LEU B 436 -15.06 -8.20 -21.37
C LEU B 436 -14.00 -9.07 -22.01
N TYR B 437 -13.47 -10.11 -21.38
CA TYR B 437 -12.44 -10.84 -22.06
C TYR B 437 -13.12 -11.95 -22.81
N ALA B 438 -14.41 -12.28 -22.60
CA ALA B 438 -15.01 -13.30 -23.43
C ALA B 438 -15.26 -12.62 -24.77
N ASN B 439 -15.79 -11.40 -24.68
CA ASN B 439 -15.99 -10.54 -25.84
C ASN B 439 -14.73 -10.29 -26.61
N SER B 440 -13.61 -10.08 -25.94
CA SER B 440 -12.40 -9.76 -26.66
C SER B 440 -11.87 -10.93 -27.41
N CYS B 441 -11.97 -12.21 -27.04
CA CYS B 441 -11.41 -13.27 -27.88
C CYS B 441 -12.44 -13.88 -28.82
N TYR B 442 -13.72 -13.91 -28.43
CA TYR B 442 -14.73 -14.56 -29.25
C TYR B 442 -15.90 -13.64 -29.50
N GLY B 443 -15.83 -12.32 -29.30
CA GLY B 443 -16.90 -11.41 -29.62
C GLY B 443 -18.23 -11.83 -29.05
N ARG B 444 -19.35 -11.61 -29.77
CA ARG B 444 -20.67 -11.95 -29.24
C ARG B 444 -20.82 -13.41 -28.92
N ASN B 445 -20.30 -14.32 -29.74
CA ASN B 445 -20.39 -15.74 -29.39
C ASN B 445 -19.68 -16.05 -28.08
N GLY B 446 -18.51 -15.46 -27.83
CA GLY B 446 -17.81 -15.60 -26.56
C GLY B 446 -18.72 -15.06 -25.49
N VAL B 447 -19.29 -13.86 -25.64
CA VAL B 447 -20.19 -13.34 -24.64
C VAL B 447 -21.36 -14.26 -24.40
N GLU B 448 -21.81 -14.94 -25.45
CA GLU B 448 -22.98 -15.78 -25.35
C GLU B 448 -22.59 -16.99 -24.52
N LYS B 449 -21.44 -17.62 -24.83
CA LYS B 449 -21.01 -18.81 -24.09
C LYS B 449 -20.73 -18.52 -22.61
N ALA B 450 -20.03 -17.45 -22.21
CA ALA B 450 -19.78 -17.11 -20.81
C ALA B 450 -21.09 -17.06 -20.05
N ILE B 451 -22.12 -16.56 -20.75
CA ILE B 451 -23.49 -16.59 -20.19
C ILE B 451 -23.95 -18.06 -19.98
N GLU B 452 -23.81 -18.95 -20.97
CA GLU B 452 -24.16 -20.33 -20.80
C GLU B 452 -23.40 -20.93 -19.59
N ILE B 453 -22.06 -20.77 -19.55
CA ILE B 453 -21.20 -21.37 -18.53
C ILE B 453 -21.63 -21.03 -17.10
N LEU B 454 -21.76 -19.75 -16.84
CA LEU B 454 -22.27 -19.32 -15.57
C LEU B 454 -23.71 -19.82 -15.33
N ARG B 455 -24.59 -19.97 -16.34
CA ARG B 455 -25.99 -20.45 -16.17
C ARG B 455 -25.87 -21.91 -15.79
N ASP B 456 -25.00 -22.69 -16.40
CA ASP B 456 -24.90 -24.05 -15.96
C ASP B 456 -24.25 -24.19 -14.61
N GLU B 457 -23.26 -23.41 -14.21
CA GLU B 457 -22.77 -23.59 -12.85
C GLU B 457 -23.87 -23.21 -11.88
N ILE B 458 -24.71 -22.21 -12.17
CA ILE B 458 -25.71 -21.80 -11.20
C ILE B 458 -26.72 -22.92 -11.14
N GLU B 459 -27.20 -23.51 -12.26
CA GLU B 459 -28.18 -24.60 -12.19
C GLU B 459 -27.63 -25.75 -11.42
N MET B 460 -26.43 -26.24 -11.84
CA MET B 460 -25.81 -27.40 -11.21
C MET B 460 -25.65 -27.19 -9.72
N SER B 461 -25.26 -26.02 -9.23
CA SER B 461 -25.09 -25.85 -7.82
C SER B 461 -26.38 -25.82 -7.07
N MET B 462 -27.47 -25.31 -7.65
CA MET B 462 -28.71 -25.23 -6.87
C MET B 462 -29.22 -26.59 -6.61
N ARG B 463 -29.05 -27.44 -7.61
CA ARG B 463 -29.51 -28.80 -7.57
C ARG B 463 -28.66 -29.52 -6.55
N LEU B 464 -27.36 -29.25 -6.51
CA LEU B 464 -26.52 -29.69 -5.39
C LEU B 464 -26.82 -28.93 -4.05
N LEU B 465 -27.45 -27.75 -3.88
CA LEU B 465 -27.79 -27.25 -2.55
C LEU B 465 -29.17 -27.73 -2.13
N GLY B 466 -30.01 -28.26 -3.04
CA GLY B 466 -31.34 -28.73 -2.70
C GLY B 466 -32.27 -27.55 -2.74
N VAL B 467 -32.20 -26.73 -3.78
CA VAL B 467 -33.09 -25.59 -3.87
C VAL B 467 -33.52 -25.51 -5.32
N THR B 468 -34.69 -24.90 -5.56
CA THR B 468 -35.24 -24.92 -6.91
C THR B 468 -35.63 -23.61 -7.55
N SER B 469 -35.78 -22.59 -6.74
CA SER B 469 -36.18 -21.32 -7.27
C SER B 469 -35.16 -20.33 -6.79
N ILE B 470 -34.92 -19.17 -7.46
CA ILE B 470 -34.01 -18.21 -6.84
C ILE B 470 -34.61 -17.78 -5.50
N ALA B 471 -35.91 -17.78 -5.36
CA ALA B 471 -36.46 -17.36 -4.10
C ALA B 471 -36.12 -18.28 -2.97
N GLU B 472 -35.70 -19.50 -3.28
CA GLU B 472 -35.39 -20.41 -2.21
C GLU B 472 -33.99 -20.25 -1.71
N LEU B 473 -33.13 -19.48 -2.40
CA LEU B 473 -31.79 -19.23 -1.92
C LEU B 473 -31.99 -18.38 -0.69
N LYS B 474 -32.06 -18.86 0.54
CA LYS B 474 -32.04 -17.96 1.68
C LYS B 474 -30.69 -18.03 2.42
N PRO B 475 -30.37 -17.45 3.55
CA PRO B 475 -29.09 -17.56 4.21
C PRO B 475 -28.82 -18.81 4.94
N ASP B 476 -29.86 -19.53 5.34
CA ASP B 476 -29.63 -20.70 6.17
C ASP B 476 -28.95 -21.81 5.40
N LEU B 477 -28.71 -21.61 4.09
CA LEU B 477 -27.96 -22.55 3.25
C LEU B 477 -26.47 -22.21 3.37
N LEU B 478 -26.07 -21.31 4.29
CA LEU B 478 -24.71 -20.81 4.32
C LEU B 478 -24.00 -20.98 5.66
N ASP B 479 -22.79 -21.52 5.64
CA ASP B 479 -21.94 -21.50 6.80
C ASP B 479 -21.22 -20.16 6.72
N LEU B 480 -21.75 -19.14 7.38
CA LEU B 480 -21.06 -17.87 7.46
C LEU B 480 -20.16 -17.73 8.69
N SER B 481 -19.76 -18.77 9.42
CA SER B 481 -19.05 -18.58 10.67
C SER B 481 -17.61 -18.12 10.54
N THR B 482 -16.98 -18.18 9.37
CA THR B 482 -15.65 -17.66 9.30
C THR B 482 -15.55 -16.57 8.22
N LEU B 483 -16.64 -15.81 8.01
CA LEU B 483 -16.74 -14.64 7.11
C LEU B 483 -15.77 -13.53 7.44
N LYS B 484 -15.36 -13.38 8.71
CA LYS B 484 -14.39 -12.38 9.05
C LYS B 484 -12.99 -12.97 9.22
N ALA B 485 -12.67 -14.13 8.64
CA ALA B 485 -11.32 -14.65 8.82
C ALA B 485 -10.53 -14.23 7.59
N ARG B 486 -10.38 -12.94 7.53
CA ARG B 486 -9.67 -12.21 6.50
C ARG B 486 -8.43 -12.06 7.37
N THR B 487 -7.29 -12.69 7.14
CA THR B 487 -6.23 -12.60 8.15
C THR B 487 -4.92 -12.14 7.55
N VAL B 488 -3.95 -11.38 8.07
CA VAL B 488 -2.62 -11.29 7.45
C VAL B 488 -1.66 -12.16 8.29
N GLY B 489 -0.89 -13.11 7.80
CA GLY B 489 -0.11 -13.95 8.72
C GLY B 489 1.12 -13.23 9.25
N VAL B 490 1.77 -13.73 10.31
CA VAL B 490 3.01 -13.05 10.67
C VAL B 490 4.13 -13.57 9.73
N PRO B 491 5.13 -12.71 9.39
CA PRO B 491 6.23 -13.03 8.49
C PRO B 491 6.86 -14.40 8.53
N ASN B 492 7.01 -14.97 7.32
CA ASN B 492 7.55 -16.31 7.20
C ASN B 492 8.95 -16.21 7.74
N ASP B 493 9.29 -17.22 8.51
CA ASP B 493 10.55 -17.34 9.21
C ASP B 493 11.43 -17.98 8.20
N VAL B 494 11.96 -17.09 7.36
CA VAL B 494 12.88 -17.37 6.26
C VAL B 494 13.90 -18.44 6.64
N LEU B 495 14.78 -18.30 7.68
CA LEU B 495 15.88 -19.26 7.92
C LEU B 495 15.37 -20.58 8.47
N TYR B 496 14.40 -20.66 9.36
CA TYR B 496 13.92 -21.96 9.87
C TYR B 496 13.48 -22.74 8.66
N ASN B 497 12.84 -22.01 7.77
CA ASN B 497 12.40 -22.63 6.57
C ASN B 497 13.57 -22.94 5.67
N GLU B 498 14.57 -22.12 5.41
CA GLU B 498 15.66 -22.44 4.55
C GLU B 498 16.44 -23.67 4.92
N VAL B 499 16.43 -24.02 6.22
CA VAL B 499 17.16 -25.22 6.65
C VAL B 499 16.31 -26.43 6.89
N TYR B 500 14.99 -26.24 6.89
CA TYR B 500 14.09 -27.33 7.17
C TYR B 500 13.89 -28.17 5.93
N GLU B 501 14.00 -29.49 5.96
CA GLU B 501 13.68 -30.27 4.77
C GLU B 501 12.43 -31.08 5.08
N GLY B 502 11.44 -31.26 4.21
CA GLY B 502 10.24 -31.99 4.62
C GLY B 502 10.38 -33.48 4.37
N PRO B 503 9.38 -34.31 4.60
CA PRO B 503 9.44 -35.69 4.15
C PRO B 503 9.56 -35.75 2.63
N THR B 504 9.68 -36.93 2.07
CA THR B 504 9.94 -37.14 0.67
C THR B 504 9.10 -38.32 0.24
N LEU B 505 8.62 -38.39 -0.97
CA LEU B 505 7.87 -39.57 -1.32
C LEU B 505 8.84 -40.67 -1.77
N THR B 506 8.31 -41.85 -1.90
CA THR B 506 8.99 -43.03 -2.34
C THR B 506 9.51 -42.75 -3.72
N GLU B 507 10.40 -43.63 -4.12
CA GLU B 507 11.16 -43.43 -5.32
C GLU B 507 11.00 -44.66 -6.20
N PHE B 508 10.91 -44.49 -7.50
CA PHE B 508 10.89 -45.69 -8.31
C PHE B 508 12.35 -46.15 -8.29
N GLU B 509 12.47 -47.43 -8.52
CA GLU B 509 13.71 -48.12 -8.79
C GLU B 509 14.36 -47.43 -9.98
N ASP B 510 15.70 -47.23 -10.02
CA ASP B 510 16.34 -46.52 -11.15
C ASP B 510 16.55 -47.44 -12.37
N ALA B 511 16.70 -48.66 -11.87
CA ALA B 511 16.90 -49.94 -12.49
C ALA B 511 16.71 -50.82 -11.24
CHA HEM C . 30.47 5.33 12.35
CHB HEM C . 32.48 8.38 15.47
CHC HEM C . 36.80 6.80 14.26
CHD HEM C . 34.84 4.03 10.90
C1A HEM C . 30.64 6.39 13.22
C2A HEM C . 29.58 7.26 13.74
C3A HEM C . 30.14 8.05 14.71
C4A HEM C . 31.57 7.75 14.68
CMA HEM C . 29.46 9.05 15.64
CAA HEM C . 28.21 7.44 13.08
CBA HEM C . 27.84 8.86 12.63
CGA HEM C . 28.96 9.74 12.08
O1A HEM C . 29.10 10.88 12.55
O2A HEM C . 29.70 9.28 11.20
C1B HEM C . 33.82 8.16 15.45
C2B HEM C . 34.76 8.92 16.25
C3B HEM C . 36.00 8.48 15.91
C4B HEM C . 35.78 7.45 14.89
CMB HEM C . 34.44 10.03 17.25
CAB HEM C . 37.21 8.86 16.49
CBB HEM C . 38.30 9.53 15.77
C1C HEM C . 36.64 5.93 13.25
C2C HEM C . 37.74 5.33 12.58
C3C HEM C . 37.23 4.55 11.60
C4C HEM C . 35.78 4.70 11.69
CMC HEM C . 39.21 5.53 12.93
CAC HEM C . 37.96 3.73 10.75
CBC HEM C . 38.29 2.36 11.11
C1D HEM C . 33.46 4.08 11.04
C2D HEM C . 32.53 3.33 10.24
C3D HEM C . 31.29 3.62 10.73
C4D HEM C . 31.48 4.59 11.78
CMD HEM C . 32.88 2.52 8.99
CAD HEM C . 29.97 3.09 10.20
CBD HEM C . 29.50 1.80 10.81
CGD HEM C . 28.91 0.84 9.78
O1D HEM C . 29.67 0.32 8.95
O2D HEM C . 27.70 0.58 9.81
NA HEM C . 31.88 6.76 13.75
NB HEM C . 34.46 7.28 14.61
NC HEM C . 35.43 5.54 12.72
ND HEM C . 32.82 4.86 11.97
FE HEM C . 33.66 6.10 13.25
HHB HEM C . 32.11 9.12 16.17
HHC HEM C . 37.80 7.00 14.61
HHD HEM C . 35.24 3.41 10.10
HHA HEM C . 29.44 5.06 12.09
N1 FMN D . 16.22 6.23 14.45
C2 FMN D . 16.85 7.14 15.29
O2 FMN D . 16.32 7.58 16.31
N3 FMN D . 18.10 7.52 14.95
C4 FMN D . 18.74 7.07 13.84
O4 FMN D . 19.80 7.62 13.56
C4A FMN D . 18.06 6.01 13.13
N5 FMN D . 18.81 5.48 12.14
C5A FMN D . 18.18 4.68 11.26
C6 FMN D . 18.96 4.19 10.28
C7 FMN D . 18.39 3.45 9.31
C7M FMN D . 19.36 3.16 8.20
C8 FMN D . 17.03 3.06 9.40
C8M FMN D . 16.28 2.20 8.39
C9 FMN D . 16.31 3.45 10.47
C9A FMN D . 16.85 4.34 11.37
N10 FMN D . 16.07 4.93 12.33
C10 FMN D . 16.73 5.67 13.29
C1' FMN D . 14.82 4.51 12.51
C2' FMN D . 13.74 5.59 12.61
O2' FMN D . 13.88 6.85 12.01
C3' FMN D . 12.43 5.13 12.21
O3' FMN D . 11.73 4.49 13.26
C4' FMN D . 12.30 4.46 10.87
O4' FMN D . 13.48 4.19 10.11
C5' FMN D . 11.03 3.61 10.75
O5' FMN D . 11.14 2.64 9.74
P FMN D . 10.77 2.63 8.18
O1P FMN D . 12.10 2.67 7.52
O2P FMN D . 9.94 3.83 8.00
O3P FMN D . 10.07 1.33 8.08
HN3 FMN D . 18.62 8.04 15.63
HO2' FMN D . 14.81 7.07 12.13
HO3' FMN D . 11.73 5.11 14.00
HO4' FMN D . 14.02 4.99 10.12
C1 PPY E . 20.49 3.15 13.98
O1 PPY E . 19.59 2.50 13.42
O2 PPY E . 20.18 4.23 14.55
C2 PPY E . 21.88 2.88 13.73
O3 PPY E . 22.15 1.99 12.89
C3 PPY E . 22.94 3.20 14.81
C1' PPY E . 24.28 3.19 14.08
C2' PPY E . 24.77 4.36 13.52
C3' PPY E . 25.94 4.33 12.79
C4' PPY E . 26.61 3.15 12.63
C5' PPY E . 26.12 1.99 13.20
C6' PPY E . 24.96 1.99 13.93
N1 FMN F . -17.95 0.86 -14.01
C2 FMN F . -18.75 1.93 -14.34
O2 FMN F . -19.70 2.24 -13.63
N3 FMN F . -18.41 2.59 -15.49
C4 FMN F . -17.47 2.15 -16.39
O4 FMN F . -17.48 2.66 -17.51
C4A FMN F . -16.61 1.09 -15.89
N5 FMN F . -15.60 0.75 -16.73
C5A FMN F . -14.89 -0.35 -16.40
C6 FMN F . -13.88 -0.72 -17.23
C7 FMN F . -13.22 -1.88 -17.00
C7M FMN F . -12.27 -2.36 -18.08
C8 FMN F . -13.54 -2.65 -15.87
C8M FMN F . -12.84 -3.91 -15.40
C9 FMN F . -14.50 -2.25 -15.05
C9A FMN F . -15.20 -1.12 -15.30
N10 FMN F . -16.15 -0.74 -14.40
C10 FMN F . -16.85 0.40 -14.70
C1' FMN F . -16.40 -1.48 -13.30
C2' FMN F . -17.81 -2.08 -13.18
O2' FMN F . -18.57 -2.33 -14.34
C3' FMN F . -17.80 -3.25 -12.32
O3' FMN F . -17.46 -2.81 -11.04
C4' FMN F . -17.07 -4.53 -12.70
O4' FMN F . -15.88 -4.36 -13.42
C5' FMN F . -16.95 -5.43 -11.49
O5' FMN F . -15.73 -6.08 -11.33
P FMN F . -15.37 -7.48 -12.01
O1P FMN F . -14.21 -7.93 -11.21
O2P FMN F . -15.05 -7.21 -13.44
O3P FMN F . -16.61 -8.24 -11.73
HN3 FMN F . -18.83 3.48 -15.67
HO2' FMN F . -18.33 -1.66 -14.98
HO3' FMN F . -18.23 -2.31 -10.73
HO4' FMN F . -16.09 -3.84 -14.20
C1 PPY G . -13.65 2.79 -15.45
O1 PPY G . -13.26 1.93 -14.63
O2 PPY G . -14.74 3.33 -15.23
C2 PPY G . -12.84 3.23 -16.52
O3 PPY G . -11.71 2.70 -16.61
C3 PPY G . -13.11 4.55 -17.29
C1' PPY G . -12.07 5.02 -18.34
C2' PPY G . -12.26 4.75 -19.68
C3' PPY G . -11.32 5.15 -20.62
C4' PPY G . -10.18 5.81 -20.22
C5' PPY G . -9.99 6.08 -18.87
C6' PPY G . -10.93 5.68 -17.93
#